data_5X6R
#
_entry.id   5X6R
#
_cell.length_a   58.878
_cell.length_b   99.764
_cell.length_c   84.693
_cell.angle_alpha   90.00
_cell.angle_beta   105.45
_cell.angle_gamma   90.00
#
_symmetry.space_group_name_H-M   'P 1 21 1'
#
loop_
_entity.id
_entity.type
_entity.pdbx_description
1 polymer 'Kynurenine 3-monooxygenase'
2 non-polymer 'FLAVIN-ADENINE DINUCLEOTIDE'
3 non-polymer 3,4-dimethoxy-N-[4-(3-nitrophenyl)-1,3-thiazol-2-yl]benzenesulfonamide
4 water water
#
_entity_poly.entity_id   1
_entity_poly.type   'polypeptide(L)'
_entity_poly.pdbx_seq_one_letter_code
;MRGSHHHHHHDYDIPTTENLYYFQGSMSESVAIIGAGLVGCLAALAFSKEGYNVTLYDFRQDPRLDTTKNKNLKSINLAI
SARGIDALKSIDPDACEHILQDMIPMKGRMIHDLKGRQESQLYGLHGEAINSINRSVLNNSLLDELEKSTTELKFGHKLV
KIEWTDDKQICHFAIGEDLKTPHTEKYDFVIGCDGAYSATRSQMQRKVEMDFSQEYMNLRYIELYIPPTEEFKPNYGGNF
AIAPDHLHIWPRHKFMLIALANSDGSFTSTFFGSKDQISDLITSKSRVREFLIENFPDIINIMDLDDAVKRFITYPKESL
VCVNCKPYDVPGGKAILLGDAAHAMVPFYGQGMNCGFEDVRILMALLKKHSGDRSRAFTEYTQTRHKDLVSITELAKRNY
KEMSHDVTSKRFLLRKKLDA
;
_entity_poly.pdbx_strand_id   A,B
#
# COMPACT_ATOMS: atom_id res chain seq x y z
N MET A 27 -28.75 -27.71 -0.73
CA MET A 27 -27.44 -28.37 -0.73
C MET A 27 -26.38 -27.53 -1.42
N SER A 28 -26.76 -26.30 -1.79
CA SER A 28 -25.85 -25.40 -2.49
C SER A 28 -25.21 -24.42 -1.51
N GLU A 29 -23.99 -23.98 -1.83
CA GLU A 29 -23.31 -23.00 -1.00
C GLU A 29 -23.73 -21.57 -1.38
N SER A 30 -23.77 -20.66 -0.41
CA SER A 30 -24.12 -19.28 -0.70
C SER A 30 -22.86 -18.41 -0.83
N VAL A 31 -22.91 -17.46 -1.74
CA VAL A 31 -21.82 -16.51 -1.93
C VAL A 31 -22.40 -15.10 -2.05
N ALA A 32 -21.78 -14.16 -1.33
CA ALA A 32 -22.01 -12.75 -1.47
C ALA A 32 -20.97 -12.16 -2.41
N ILE A 33 -21.43 -11.50 -3.46
CA ILE A 33 -20.53 -10.83 -4.38
C ILE A 33 -20.68 -9.32 -4.15
N ILE A 34 -19.60 -8.69 -3.70
CA ILE A 34 -19.69 -7.27 -3.38
C ILE A 34 -19.24 -6.42 -4.56
N GLY A 35 -20.16 -5.66 -5.15
CA GLY A 35 -19.88 -4.84 -6.32
C GLY A 35 -20.57 -5.37 -7.56
N ALA A 36 -21.45 -4.55 -8.15
CA ALA A 36 -22.12 -4.92 -9.40
C ALA A 36 -21.64 -4.04 -10.56
N GLY A 37 -20.34 -3.77 -10.60
CA GLY A 37 -19.73 -3.24 -11.81
C GLY A 37 -19.61 -4.36 -12.82
N LEU A 38 -18.81 -4.16 -13.87
CA LEU A 38 -18.60 -5.16 -14.92
C LEU A 38 -18.10 -6.52 -14.39
N VAL A 39 -17.11 -6.49 -13.49
CA VAL A 39 -16.50 -7.75 -13.06
C VAL A 39 -17.41 -8.49 -12.09
N GLY A 40 -18.06 -7.76 -11.19
CA GLY A 40 -19.02 -8.34 -10.26
C GLY A 40 -20.20 -9.02 -10.97
N CYS A 41 -20.75 -8.35 -11.97
CA CYS A 41 -21.83 -8.93 -12.77
C CYS A 41 -21.37 -10.22 -13.45
N LEU A 42 -20.19 -10.22 -14.07
CA LEU A 42 -19.68 -11.42 -14.71
C LEU A 42 -19.43 -12.55 -13.70
N ALA A 43 -18.80 -12.22 -12.58
CA ALA A 43 -18.58 -13.22 -11.54
C ALA A 43 -19.91 -13.80 -11.03
N ALA A 44 -20.93 -12.95 -10.86
CA ALA A 44 -22.25 -13.43 -10.46
C ALA A 44 -22.88 -14.36 -11.50
N LEU A 45 -22.74 -14.02 -12.77
CA LEU A 45 -23.21 -14.90 -13.83
C LEU A 45 -22.53 -16.26 -13.77
N ALA A 46 -21.22 -16.25 -13.56
CA ALA A 46 -20.42 -17.47 -13.53
C ALA A 46 -20.79 -18.35 -12.32
N PHE A 47 -20.89 -17.75 -11.14
CA PHE A 47 -21.20 -18.56 -9.96
C PHE A 47 -22.67 -19.03 -9.91
N SER A 48 -23.60 -18.25 -10.48
CA SER A 48 -24.99 -18.70 -10.53
C SER A 48 -25.10 -19.85 -11.52
N LYS A 49 -24.45 -19.72 -12.68
CA LYS A 49 -24.36 -20.78 -13.66
C LYS A 49 -23.83 -22.07 -13.05
N GLU A 50 -22.83 -21.95 -12.19
CA GLU A 50 -22.21 -23.13 -11.63
C GLU A 50 -23.06 -23.73 -10.52
N GLY A 51 -24.12 -23.03 -10.14
CA GLY A 51 -25.08 -23.55 -9.19
C GLY A 51 -25.00 -23.04 -7.76
N TYR A 52 -24.17 -22.04 -7.49
CA TYR A 52 -24.11 -21.46 -6.16
C TYR A 52 -25.33 -20.58 -5.95
N ASN A 53 -25.73 -20.37 -4.70
CA ASN A 53 -26.75 -19.37 -4.39
C ASN A 53 -26.11 -18.00 -4.27
N VAL A 54 -26.24 -17.18 -5.32
CA VAL A 54 -25.51 -15.91 -5.40
C VAL A 54 -26.36 -14.75 -4.95
N THR A 55 -25.81 -13.89 -4.09
CA THR A 55 -26.40 -12.58 -3.86
C THR A 55 -25.36 -11.53 -4.26
N LEU A 56 -25.80 -10.61 -5.11
CA LEU A 56 -24.96 -9.56 -5.67
C LEU A 56 -25.33 -8.20 -5.07
N TYR A 57 -24.38 -7.59 -4.36
CA TYR A 57 -24.60 -6.33 -3.67
C TYR A 57 -23.90 -5.15 -4.38
N ASP A 58 -24.53 -3.97 -4.33
CA ASP A 58 -23.88 -2.72 -4.70
C ASP A 58 -24.51 -1.62 -3.85
N PHE A 59 -23.73 -0.65 -3.39
CA PHE A 59 -24.32 0.46 -2.65
C PHE A 59 -25.05 1.42 -3.58
N ARG A 60 -24.71 1.39 -4.87
CA ARG A 60 -25.38 2.26 -5.85
C ARG A 60 -26.76 1.76 -6.18
N GLN A 61 -27.53 2.62 -6.87
CA GLN A 61 -28.85 2.25 -7.37
C GLN A 61 -28.73 1.48 -8.67
N ASP A 62 -29.77 0.72 -9.01
CA ASP A 62 -29.83 0.01 -10.29
C ASP A 62 -29.59 1.01 -11.43
N PRO A 63 -28.47 0.85 -12.17
CA PRO A 63 -28.15 1.77 -13.26
C PRO A 63 -29.21 1.77 -14.35
N ARG A 64 -29.97 0.68 -14.46
CA ARG A 64 -30.99 0.58 -15.49
C ARG A 64 -32.20 1.48 -15.23
N LEU A 65 -32.25 2.12 -14.06
CA LEU A 65 -33.32 3.08 -13.77
C LEU A 65 -32.92 4.51 -14.18
N ASP A 66 -33.91 5.30 -14.61
CA ASP A 66 -33.69 6.73 -14.89
C ASP A 66 -33.41 7.45 -13.57
N THR A 67 -33.79 6.81 -12.47
CA THR A 67 -33.55 7.36 -11.13
C THR A 67 -32.05 7.44 -10.82
N LEU A 73 -19.79 5.45 -14.79
CA LEU A 73 -19.07 5.08 -16.01
C LEU A 73 -17.81 5.93 -16.14
N LYS A 74 -16.65 5.28 -16.15
CA LYS A 74 -15.38 5.97 -16.31
C LYS A 74 -15.13 6.28 -17.78
N SER A 75 -15.90 5.64 -18.64
CA SER A 75 -15.79 5.84 -20.09
C SER A 75 -17.12 5.50 -20.80
N ILE A 76 -17.37 5.98 -22.02
CA ILE A 76 -18.63 5.64 -22.69
C ILE A 76 -18.61 4.35 -23.54
N ASN A 77 -17.77 4.27 -24.56
CA ASN A 77 -17.50 2.97 -25.21
C ASN A 77 -16.11 2.49 -24.77
N LEU A 78 -15.94 1.18 -24.61
CA LEU A 78 -14.66 0.64 -24.17
C LEU A 78 -14.18 -0.44 -25.11
N ALA A 79 -12.93 -0.87 -24.98
CA ALA A 79 -12.45 -1.93 -25.85
C ALA A 79 -12.47 -3.27 -25.12
N ILE A 80 -13.12 -4.26 -25.70
CA ILE A 80 -13.05 -5.61 -25.17
C ILE A 80 -12.14 -6.42 -26.09
N SER A 81 -11.16 -7.09 -25.50
CA SER A 81 -10.18 -7.89 -26.24
C SER A 81 -10.71 -9.29 -26.57
N ALA A 82 -9.98 -10.02 -27.39
CA ALA A 82 -10.35 -11.37 -27.79
C ALA A 82 -10.45 -12.22 -26.53
N ARG A 83 -9.50 -12.02 -25.63
CA ARG A 83 -9.44 -12.74 -24.38
C ARG A 83 -10.63 -12.37 -23.49
N GLY A 84 -11.02 -11.10 -23.52
CA GLY A 84 -12.19 -10.63 -22.79
C GLY A 84 -13.44 -11.30 -23.32
N ILE A 85 -13.60 -11.31 -24.64
CA ILE A 85 -14.74 -11.96 -25.27
C ILE A 85 -14.83 -13.44 -24.92
N ASP A 86 -13.69 -14.14 -25.00
CA ASP A 86 -13.66 -15.56 -24.73
C ASP A 86 -14.05 -15.86 -23.29
N ALA A 87 -13.61 -15.00 -22.36
CA ALA A 87 -14.00 -15.16 -20.97
C ALA A 87 -15.52 -15.05 -20.86
N LEU A 88 -16.07 -14.02 -21.49
CA LEU A 88 -17.52 -13.85 -21.50
C LEU A 88 -18.21 -15.07 -22.15
N LYS A 89 -17.61 -15.59 -23.22
CA LYS A 89 -18.15 -16.74 -23.94
C LYS A 89 -18.11 -18.00 -23.09
N SER A 90 -17.04 -18.18 -22.34
CA SER A 90 -16.91 -19.38 -21.52
C SER A 90 -17.95 -19.40 -20.43
N ILE A 91 -18.47 -18.23 -20.07
CA ILE A 91 -19.31 -18.13 -18.88
C ILE A 91 -20.78 -18.09 -19.24
N ASP A 92 -21.12 -17.38 -20.31
CA ASP A 92 -22.50 -17.37 -20.79
C ASP A 92 -22.57 -17.42 -22.32
N PRO A 93 -22.31 -18.59 -22.90
CA PRO A 93 -22.24 -18.76 -24.36
C PRO A 93 -23.51 -18.29 -25.05
N ASP A 94 -24.65 -18.60 -24.47
CA ASP A 94 -25.95 -18.24 -25.02
C ASP A 94 -26.07 -16.73 -25.17
N ALA A 95 -26.01 -16.03 -24.06
CA ALA A 95 -26.23 -14.59 -24.03
C ALA A 95 -25.20 -13.84 -24.86
N CYS A 96 -23.98 -14.36 -24.83
CA CYS A 96 -22.80 -13.63 -25.24
C CYS A 96 -22.89 -13.04 -26.65
N GLU A 97 -23.58 -13.73 -27.56
CA GLU A 97 -23.69 -13.16 -28.90
C GLU A 97 -24.74 -12.06 -28.92
N HIS A 98 -25.83 -12.22 -28.16
CA HIS A 98 -26.79 -11.13 -28.05
C HIS A 98 -26.15 -9.93 -27.36
N ILE A 99 -25.42 -10.21 -26.28
CA ILE A 99 -24.72 -9.19 -25.51
C ILE A 99 -23.70 -8.41 -26.36
N LEU A 100 -23.14 -9.05 -27.38
CA LEU A 100 -21.98 -8.51 -28.06
C LEU A 100 -22.11 -8.22 -29.54
N GLN A 101 -23.31 -7.97 -30.07
CA GLN A 101 -23.34 -7.88 -31.52
C GLN A 101 -23.60 -6.47 -32.03
N ASP A 102 -23.58 -5.49 -31.15
CA ASP A 102 -23.50 -4.11 -31.60
C ASP A 102 -22.03 -3.66 -31.56
N MET A 103 -21.16 -4.52 -31.04
CA MET A 103 -19.75 -4.20 -30.91
C MET A 103 -19.04 -4.06 -32.26
N ILE A 104 -18.05 -3.16 -32.31
CA ILE A 104 -17.36 -2.88 -33.56
C ILE A 104 -15.94 -3.44 -33.50
N PRO A 105 -15.67 -4.43 -34.34
CA PRO A 105 -14.33 -5.02 -34.45
C PRO A 105 -13.32 -4.02 -34.99
N MET A 106 -12.15 -3.99 -34.38
CA MET A 106 -11.07 -3.13 -34.81
C MET A 106 -9.98 -3.97 -35.41
N LYS A 107 -9.60 -3.62 -36.63
CA LYS A 107 -8.67 -4.38 -37.44
C LYS A 107 -7.22 -4.04 -37.09
N GLY A 108 -7.03 -2.88 -36.45
CA GLY A 108 -5.70 -2.38 -36.16
C GLY A 108 -5.73 -1.02 -35.50
N ARG A 109 -4.56 -0.41 -35.37
CA ARG A 109 -4.51 0.95 -34.88
C ARG A 109 -4.17 1.90 -36.03
N MET A 110 -4.67 3.13 -35.96
CA MET A 110 -4.33 4.16 -36.94
C MET A 110 -3.57 5.24 -36.21
N ILE A 111 -2.31 5.42 -36.58
CA ILE A 111 -1.46 6.42 -35.97
C ILE A 111 -1.51 7.75 -36.71
N HIS A 112 -1.86 8.81 -36.00
CA HIS A 112 -1.95 10.16 -36.59
C HIS A 112 -0.74 11.00 -36.18
N ASP A 113 0.03 11.50 -37.15
CA ASP A 113 1.18 12.34 -36.77
C ASP A 113 0.80 13.82 -36.82
N LEU A 114 1.77 14.67 -36.53
CA LEU A 114 1.54 16.12 -36.46
C LEU A 114 1.10 16.70 -37.78
N LYS A 115 1.41 16.02 -38.88
CA LYS A 115 1.01 16.58 -40.17
C LYS A 115 -0.30 15.95 -40.66
N GLY A 116 -0.89 15.12 -39.81
CA GLY A 116 -2.17 14.50 -40.14
C GLY A 116 -2.03 13.26 -40.97
N ARG A 117 -0.82 12.80 -41.19
CA ARG A 117 -0.63 11.53 -41.88
C ARG A 117 -1.18 10.41 -40.97
N GLN A 118 -1.85 9.43 -41.57
CA GLN A 118 -2.42 8.31 -40.83
C GLN A 118 -1.76 7.04 -41.28
N GLU A 119 -1.22 6.29 -40.34
CA GLU A 119 -0.60 5.04 -40.70
C GLU A 119 -1.36 3.88 -40.06
N SER A 120 -1.76 2.93 -40.91
CA SER A 120 -2.52 1.76 -40.50
C SER A 120 -1.56 0.67 -40.03
N GLN A 121 -1.74 0.21 -38.80
CA GLN A 121 -0.95 -0.89 -38.26
C GLN A 121 -1.90 -2.00 -37.88
N LEU A 122 -1.97 -3.03 -38.71
CA LEU A 122 -2.96 -4.09 -38.51
C LEU A 122 -2.60 -5.02 -37.35
N TYR A 123 -3.61 -5.42 -36.60
CA TYR A 123 -3.48 -6.28 -35.43
C TYR A 123 -3.06 -7.69 -35.83
N ILE A 130 -9.22 -6.13 -30.86
CA ILE A 130 -10.15 -5.55 -29.90
C ILE A 130 -11.43 -5.08 -30.58
N ASN A 131 -12.49 -4.96 -29.78
CA ASN A 131 -13.82 -4.61 -30.26
C ASN A 131 -14.39 -3.45 -29.44
N SER A 132 -14.97 -2.47 -30.10
CA SER A 132 -15.55 -1.35 -29.38
C SER A 132 -16.96 -1.67 -28.93
N ILE A 133 -17.24 -1.41 -27.66
CA ILE A 133 -18.59 -1.65 -27.15
C ILE A 133 -18.96 -0.63 -26.09
N ASN A 134 -20.24 -0.33 -25.98
CA ASN A 134 -20.71 0.67 -25.03
C ASN A 134 -20.69 0.15 -23.58
N ARG A 135 -20.07 0.91 -22.67
CA ARG A 135 -19.93 0.48 -21.28
C ARG A 135 -21.28 0.26 -20.61
N SER A 136 -22.13 1.27 -20.67
CA SER A 136 -23.44 1.21 -20.04
C SER A 136 -24.29 0.08 -20.62
N VAL A 137 -24.24 -0.10 -21.94
CA VAL A 137 -25.00 -1.16 -22.57
C VAL A 137 -24.50 -2.54 -22.11
N LEU A 138 -23.18 -2.71 -22.10
CA LEU A 138 -22.61 -3.97 -21.61
C LEU A 138 -23.00 -4.24 -20.16
N ASN A 139 -22.88 -3.24 -19.29
CA ASN A 139 -23.18 -3.45 -17.88
C ASN A 139 -24.65 -3.82 -17.69
N ASN A 140 -25.53 -3.14 -18.45
CA ASN A 140 -26.96 -3.39 -18.33
C ASN A 140 -27.38 -4.76 -18.86
N SER A 141 -26.82 -5.17 -19.99
CA SER A 141 -27.05 -6.50 -20.54
C SER A 141 -26.68 -7.60 -19.53
N LEU A 142 -25.56 -7.42 -18.83
CA LEU A 142 -25.14 -8.40 -17.83
C LEU A 142 -26.19 -8.48 -16.72
N LEU A 143 -26.69 -7.32 -16.32
CA LEU A 143 -27.73 -7.27 -15.30
C LEU A 143 -29.01 -7.96 -15.79
N ASP A 144 -29.35 -7.76 -17.05
CA ASP A 144 -30.52 -8.43 -17.62
C ASP A 144 -30.36 -9.95 -17.59
N GLU A 145 -29.21 -10.45 -18.02
CA GLU A 145 -28.95 -11.89 -17.98
C GLU A 145 -29.01 -12.43 -16.56
N LEU A 146 -28.58 -11.62 -15.60
CA LEU A 146 -28.61 -12.05 -14.20
C LEU A 146 -30.05 -12.18 -13.71
N GLU A 147 -30.94 -11.40 -14.31
CA GLU A 147 -32.33 -11.43 -13.88
C GLU A 147 -32.99 -12.73 -14.29
N LYS A 148 -32.52 -13.32 -15.38
CA LYS A 148 -32.95 -14.66 -15.80
C LYS A 148 -32.38 -15.74 -14.90
N SER A 149 -31.48 -15.38 -13.99
CA SER A 149 -30.86 -16.38 -13.12
C SER A 149 -31.48 -16.36 -11.73
N THR A 150 -31.00 -17.27 -10.88
CA THR A 150 -31.44 -17.36 -9.50
C THR A 150 -30.73 -16.34 -8.62
N THR A 151 -29.92 -15.49 -9.25
CA THR A 151 -29.19 -14.50 -8.50
C THR A 151 -30.13 -13.49 -7.87
N GLU A 152 -29.87 -13.16 -6.62
CA GLU A 152 -30.59 -12.10 -5.93
C GLU A 152 -29.82 -10.77 -6.06
N LEU A 153 -30.46 -9.75 -6.64
CA LEU A 153 -29.83 -8.44 -6.79
C LEU A 153 -30.18 -7.50 -5.65
N LYS A 154 -29.18 -7.02 -4.92
CA LYS A 154 -29.46 -6.10 -3.82
C LYS A 154 -28.69 -4.79 -3.95
N PHE A 155 -29.32 -3.84 -4.65
CA PHE A 155 -28.77 -2.50 -4.80
C PHE A 155 -29.04 -1.69 -3.54
N GLY A 156 -28.37 -0.55 -3.40
CA GLY A 156 -28.48 0.24 -2.19
C GLY A 156 -28.03 -0.48 -0.94
N HIS A 157 -27.12 -1.43 -1.08
CA HIS A 157 -26.53 -2.12 0.06
C HIS A 157 -25.02 -1.89 0.08
N LYS A 158 -24.53 -1.23 1.11
CA LYS A 158 -23.11 -0.94 1.21
C LYS A 158 -22.46 -1.89 2.20
N LEU A 159 -21.50 -2.69 1.75
CA LEU A 159 -20.77 -3.54 2.70
C LEU A 159 -19.97 -2.64 3.64
N VAL A 160 -20.06 -2.84 4.96
CA VAL A 160 -19.26 -2.03 5.90
C VAL A 160 -18.34 -2.87 6.76
N LYS A 161 -18.68 -4.14 6.96
CA LYS A 161 -17.88 -4.99 7.83
C LYS A 161 -18.15 -6.45 7.54
N ILE A 162 -17.14 -7.28 7.77
CA ILE A 162 -17.28 -8.72 7.71
C ILE A 162 -16.70 -9.36 8.98
N GLU A 163 -17.44 -10.29 9.58
CA GLU A 163 -16.86 -11.13 10.62
C GLU A 163 -16.51 -12.49 10.04
N TRP A 164 -15.24 -12.85 10.10
CA TRP A 164 -14.77 -14.11 9.51
C TRP A 164 -14.82 -15.26 10.51
N THR A 165 -15.38 -16.39 10.09
CA THR A 165 -15.40 -17.57 10.94
C THR A 165 -14.93 -18.77 10.14
N ASP A 166 -14.87 -19.92 10.77
CA ASP A 166 -14.48 -21.15 10.09
C ASP A 166 -15.68 -21.75 9.34
N ASP A 167 -16.85 -21.15 9.54
CA ASP A 167 -18.08 -21.65 8.95
C ASP A 167 -18.64 -20.64 7.95
N LYS A 168 -19.58 -19.81 8.38
CA LYS A 168 -20.13 -18.79 7.50
C LYS A 168 -19.54 -17.40 7.79
N GLN A 169 -19.55 -16.52 6.79
CA GLN A 169 -19.01 -15.18 6.99
C GLN A 169 -20.17 -14.23 7.21
N ILE A 170 -20.09 -13.44 8.27
CA ILE A 170 -21.18 -12.53 8.60
C ILE A 170 -20.95 -11.18 7.95
N CYS A 171 -21.76 -10.85 6.96
CA CYS A 171 -21.61 -9.60 6.25
C CYS A 171 -22.53 -8.52 6.80
N HIS A 172 -21.95 -7.40 7.21
CA HIS A 172 -22.70 -6.25 7.72
C HIS A 172 -22.89 -5.23 6.62
N PHE A 173 -24.14 -4.83 6.41
CA PHE A 173 -24.45 -3.85 5.38
C PHE A 173 -25.13 -2.61 5.96
N ALA A 174 -24.91 -1.47 5.31
CA ALA A 174 -25.72 -0.29 5.53
C ALA A 174 -26.70 -0.19 4.38
N ILE A 175 -27.97 -0.03 4.70
CA ILE A 175 -29.06 -0.01 3.72
C ILE A 175 -30.04 1.12 3.99
N THR A 181 -29.09 2.15 8.17
CA THR A 181 -29.76 0.96 8.71
C THR A 181 -28.87 -0.27 8.64
N PRO A 182 -28.27 -0.64 9.78
CA PRO A 182 -27.43 -1.84 9.79
C PRO A 182 -28.23 -3.11 9.51
N HIS A 183 -27.61 -4.02 8.76
CA HIS A 183 -28.21 -5.32 8.50
C HIS A 183 -27.10 -6.35 8.33
N THR A 184 -27.32 -7.58 8.81
CA THR A 184 -26.33 -8.62 8.56
C THR A 184 -26.95 -9.79 7.80
N GLU A 185 -26.10 -10.50 7.06
CA GLU A 185 -26.46 -11.73 6.37
C GLU A 185 -25.24 -12.64 6.36
N LYS A 186 -25.45 -13.95 6.38
CA LYS A 186 -24.33 -14.89 6.50
C LYS A 186 -24.13 -15.65 5.20
N TYR A 187 -22.88 -15.93 4.83
CA TYR A 187 -22.59 -16.60 3.56
C TYR A 187 -21.47 -17.57 3.73
N ASP A 188 -21.45 -18.60 2.90
CA ASP A 188 -20.34 -19.52 2.93
C ASP A 188 -19.03 -18.84 2.52
N PHE A 189 -19.12 -17.93 1.53
CA PHE A 189 -17.91 -17.20 1.16
C PHE A 189 -18.26 -15.88 0.47
N VAL A 190 -17.25 -15.03 0.27
CA VAL A 190 -17.50 -13.67 -0.23
C VAL A 190 -16.58 -13.40 -1.42
N ILE A 191 -17.07 -12.72 -2.44
CA ILE A 191 -16.18 -12.35 -3.54
C ILE A 191 -16.14 -10.82 -3.58
N GLY A 192 -14.95 -10.25 -3.44
CA GLY A 192 -14.84 -8.80 -3.50
C GLY A 192 -14.64 -8.35 -4.94
N CYS A 193 -15.67 -7.72 -5.51
CA CYS A 193 -15.58 -7.12 -6.85
C CYS A 193 -15.92 -5.65 -6.72
N ASP A 194 -15.42 -5.03 -5.66
CA ASP A 194 -15.93 -3.71 -5.32
C ASP A 194 -14.95 -2.58 -5.65
N GLY A 195 -14.11 -2.77 -6.67
CA GLY A 195 -13.34 -1.66 -7.22
C GLY A 195 -12.06 -1.32 -6.48
N ALA A 196 -11.35 -0.30 -6.99
CA ALA A 196 -10.00 0.00 -6.54
C ALA A 196 -9.92 0.30 -5.04
N TYR A 197 -11.01 0.81 -4.46
CA TYR A 197 -11.02 1.13 -3.04
C TYR A 197 -11.71 0.05 -2.19
N SER A 198 -11.79 -1.17 -2.74
CA SER A 198 -12.46 -2.34 -2.13
C SER A 198 -12.60 -2.35 -0.59
N ALA A 199 -13.83 -2.22 -0.11
CA ALA A 199 -14.13 -2.43 1.31
C ALA A 199 -13.86 -3.87 1.71
N THR A 200 -14.14 -4.79 0.80
CA THR A 200 -13.89 -6.20 1.04
C THR A 200 -12.44 -6.48 1.32
N ARG A 201 -11.57 -5.94 0.48
CA ARG A 201 -10.12 -6.07 0.63
C ARG A 201 -9.66 -5.58 2.02
N SER A 202 -10.20 -4.46 2.46
CA SER A 202 -9.81 -3.94 3.77
C SER A 202 -10.25 -4.88 4.91
N GLN A 203 -11.43 -5.46 4.79
CA GLN A 203 -11.92 -6.45 5.76
C GLN A 203 -11.06 -7.70 5.80
N MET A 204 -10.58 -8.12 4.63
CA MET A 204 -9.75 -9.30 4.49
C MET A 204 -8.40 -9.11 5.16
N GLN A 205 -7.86 -7.90 5.06
CA GLN A 205 -6.57 -7.56 5.65
C GLN A 205 -6.55 -7.79 7.16
N ARG A 206 -7.72 -7.79 7.78
CA ARG A 206 -7.79 -8.05 9.21
C ARG A 206 -7.61 -9.52 9.52
N LYS A 207 -7.95 -10.37 8.55
CA LYS A 207 -7.92 -11.81 8.77
C LYS A 207 -6.62 -12.40 8.24
N VAL A 208 -6.02 -11.76 7.24
CA VAL A 208 -4.83 -12.30 6.64
C VAL A 208 -3.80 -11.18 6.52
N GLU A 209 -2.52 -11.55 6.56
CA GLU A 209 -1.43 -10.59 6.37
C GLU A 209 -1.31 -10.27 4.90
N MET A 210 -1.80 -9.11 4.51
CA MET A 210 -1.80 -8.81 3.09
C MET A 210 -0.80 -7.74 2.72
N ASP A 211 0.13 -8.09 1.84
CA ASP A 211 0.95 -7.08 1.21
C ASP A 211 0.04 -6.23 0.35
N PHE A 212 0.26 -4.92 0.40
CA PHE A 212 -0.65 -4.01 -0.25
C PHE A 212 0.05 -2.71 -0.66
N SER A 213 -0.24 -2.24 -1.87
CA SER A 213 0.24 -0.91 -2.24
C SER A 213 -0.76 -0.14 -3.08
N GLN A 214 -0.87 1.15 -2.81
CA GLN A 214 -1.64 2.06 -3.63
C GLN A 214 -0.75 3.22 -4.07
N GLU A 215 -0.94 3.64 -5.30
CA GLU A 215 -0.13 4.72 -5.85
C GLU A 215 -1.01 5.54 -6.75
N TYR A 216 -1.15 6.81 -6.41
CA TYR A 216 -1.94 7.74 -7.19
C TYR A 216 -1.09 8.29 -8.33
N MET A 217 -1.48 7.98 -9.55
CA MET A 217 -0.69 8.41 -10.69
C MET A 217 -0.94 9.86 -11.06
N ASN A 218 0.08 10.42 -11.69
CA ASN A 218 0.10 11.75 -12.27
C ASN A 218 -0.97 11.95 -13.39
N LEU A 219 -1.19 10.89 -14.14
CA LEU A 219 -2.11 10.88 -15.28
C LEU A 219 -3.55 11.38 -15.03
N ARG A 220 -4.09 12.14 -15.97
CA ARG A 220 -5.50 12.50 -15.97
C ARG A 220 -6.05 12.21 -17.37
N TYR A 221 -7.37 12.06 -17.48
CA TYR A 221 -7.98 11.83 -18.78
C TYR A 221 -9.18 12.73 -18.94
N ILE A 222 -9.45 13.12 -20.18
CA ILE A 222 -10.57 13.98 -20.46
C ILE A 222 -11.36 13.33 -21.56
N GLU A 223 -12.67 13.19 -21.33
CA GLU A 223 -13.57 12.57 -22.28
C GLU A 223 -14.05 13.56 -23.35
N LEU A 224 -13.68 13.28 -24.59
CA LEU A 224 -14.03 14.13 -25.72
C LEU A 224 -14.99 13.40 -26.67
N TYR A 225 -15.51 14.13 -27.64
CA TYR A 225 -16.56 13.54 -28.49
C TYR A 225 -16.40 13.94 -29.96
N ILE A 226 -16.45 12.96 -30.84
CA ILE A 226 -16.45 13.19 -32.28
C ILE A 226 -17.84 12.82 -32.84
N PRO A 227 -18.64 13.82 -33.25
CA PRO A 227 -20.01 13.53 -33.73
C PRO A 227 -20.08 12.73 -35.03
N PRO A 228 -21.24 12.09 -35.30
CA PRO A 228 -21.39 11.42 -36.59
C PRO A 228 -21.34 12.44 -37.73
N THR A 229 -20.97 12.02 -38.93
CA THR A 229 -21.08 12.90 -40.10
C THR A 229 -22.53 13.06 -40.47
N GLU A 230 -22.80 14.11 -41.25
CA GLU A 230 -24.14 14.41 -41.73
C GLU A 230 -24.67 13.30 -42.63
N GLU A 231 -23.82 12.83 -43.54
CA GLU A 231 -24.23 11.83 -44.52
C GLU A 231 -23.49 10.50 -44.33
N PHE A 232 -24.15 9.42 -44.75
CA PHE A 232 -23.59 8.08 -44.77
C PHE A 232 -22.33 8.04 -45.62
N LYS A 233 -21.32 7.32 -45.16
CA LYS A 233 -20.06 7.19 -45.88
C LYS A 233 -19.84 5.73 -46.27
N PRO A 234 -19.99 5.44 -47.56
CA PRO A 234 -19.93 4.08 -48.10
C PRO A 234 -18.65 3.34 -47.75
N ASN A 235 -17.53 4.02 -47.90
CA ASN A 235 -16.24 3.41 -47.62
C ASN A 235 -16.08 2.99 -46.16
N TYR A 236 -16.90 3.56 -45.27
CA TYR A 236 -16.78 3.27 -43.83
C TYR A 236 -17.95 2.46 -43.31
N GLY A 237 -19.04 2.43 -44.09
CA GLY A 237 -20.21 1.68 -43.70
C GLY A 237 -21.04 2.36 -42.65
N GLY A 238 -21.05 3.68 -42.67
CA GLY A 238 -21.81 4.41 -41.68
C GLY A 238 -21.46 5.90 -41.69
N ASN A 239 -22.06 6.66 -40.78
CA ASN A 239 -21.80 8.09 -40.69
C ASN A 239 -20.55 8.40 -39.86
N PHE A 240 -19.40 7.88 -40.29
CA PHE A 240 -18.13 8.01 -39.56
C PHE A 240 -17.17 9.03 -40.17
N ALA A 241 -16.66 9.93 -39.34
CA ALA A 241 -15.73 10.96 -39.81
C ALA A 241 -14.38 10.36 -40.21
N ILE A 242 -13.96 9.30 -39.50
CA ILE A 242 -12.71 8.63 -39.75
C ILE A 242 -12.95 7.10 -39.72
N ALA A 243 -11.95 6.30 -40.03
CA ALA A 243 -12.17 4.86 -40.17
C ALA A 243 -12.62 4.21 -38.85
N PRO A 244 -13.81 3.56 -38.82
CA PRO A 244 -14.32 3.00 -37.57
C PRO A 244 -13.71 1.66 -37.17
N ASP A 245 -12.98 1.03 -38.09
CA ASP A 245 -12.41 -0.27 -37.81
C ASP A 245 -10.96 -0.17 -37.37
N HIS A 246 -10.53 1.03 -36.97
CA HIS A 246 -9.23 1.21 -36.33
C HIS A 246 -9.39 1.98 -35.04
N LEU A 247 -8.54 1.64 -34.08
CA LEU A 247 -8.37 2.43 -32.88
C LEU A 247 -7.46 3.57 -33.27
N HIS A 248 -7.96 4.80 -33.19
CA HIS A 248 -7.16 5.95 -33.61
C HIS A 248 -6.35 6.44 -32.43
N ILE A 249 -5.08 6.70 -32.69
CA ILE A 249 -4.16 7.18 -31.67
C ILE A 249 -3.33 8.33 -32.23
N TRP A 250 -3.29 9.43 -31.50
CA TRP A 250 -2.44 10.57 -31.79
C TRP A 250 -1.37 10.59 -30.70
N PRO A 251 -0.27 9.84 -30.90
CA PRO A 251 0.74 9.74 -29.84
C PRO A 251 1.62 10.98 -29.81
N ARG A 252 1.72 11.61 -28.65
CA ARG A 252 2.57 12.77 -28.45
C ARG A 252 3.48 12.52 -27.23
N HIS A 253 4.24 13.53 -26.85
CA HIS A 253 5.24 13.36 -25.79
C HIS A 253 4.63 13.48 -24.40
N LYS A 254 4.44 12.33 -23.76
CA LYS A 254 3.76 12.18 -22.47
C LYS A 254 2.31 12.71 -22.48
N PHE A 255 1.72 12.81 -23.67
CA PHE A 255 0.28 12.98 -23.73
C PHE A 255 -0.22 12.36 -25.01
N MET A 256 -1.53 12.16 -25.10
CA MET A 256 -2.07 11.32 -26.13
C MET A 256 -3.54 11.59 -26.34
N LEU A 257 -3.99 11.43 -27.57
CA LEU A 257 -5.41 11.43 -27.89
C LEU A 257 -5.73 10.08 -28.51
N ILE A 258 -6.89 9.52 -28.16
CA ILE A 258 -7.34 8.31 -28.83
C ILE A 258 -8.81 8.48 -29.25
N ALA A 259 -9.25 7.66 -30.18
CA ALA A 259 -10.65 7.68 -30.60
C ALA A 259 -11.08 6.28 -30.95
N LEU A 260 -12.28 5.93 -30.48
CA LEU A 260 -12.84 4.60 -30.67
C LEU A 260 -14.30 4.74 -31.10
N ALA A 261 -14.68 4.05 -32.16
CA ALA A 261 -15.99 4.23 -32.77
C ALA A 261 -17.17 3.78 -31.92
N ASN A 262 -18.27 4.53 -32.02
CA ASN A 262 -19.54 4.17 -31.42
C ASN A 262 -20.50 3.74 -32.53
N SER A 263 -21.52 2.96 -32.17
CA SER A 263 -22.43 2.40 -33.19
C SER A 263 -23.15 3.44 -34.03
N ASP A 264 -23.41 4.62 -33.47
CA ASP A 264 -24.15 5.65 -34.19
C ASP A 264 -23.30 6.50 -35.14
N GLY A 265 -22.03 6.14 -35.32
CA GLY A 265 -21.18 6.87 -36.26
C GLY A 265 -20.21 7.80 -35.54
N SER A 266 -20.59 8.22 -34.35
CA SER A 266 -19.71 9.02 -33.50
C SER A 266 -18.46 8.23 -33.04
N PHE A 267 -17.51 8.94 -32.42
CA PHE A 267 -16.39 8.28 -31.75
C PHE A 267 -16.30 8.76 -30.31
N THR A 268 -16.03 7.81 -29.43
CA THR A 268 -15.61 8.11 -28.09
C THR A 268 -14.15 8.49 -28.14
N SER A 269 -13.82 9.68 -27.65
CA SER A 269 -12.43 10.12 -27.73
C SER A 269 -11.93 10.45 -26.33
N THR A 270 -10.66 10.20 -26.10
CA THR A 270 -10.10 10.44 -24.78
C THR A 270 -8.71 11.07 -24.89
N PHE A 271 -8.50 12.14 -24.13
CA PHE A 271 -7.19 12.77 -24.01
C PHE A 271 -6.52 12.35 -22.71
N PHE A 272 -5.25 11.99 -22.78
CA PHE A 272 -4.46 11.59 -21.59
C PHE A 272 -3.26 12.50 -21.43
N GLY A 273 -3.05 13.02 -20.22
CA GLY A 273 -1.89 13.83 -19.93
C GLY A 273 -1.71 13.97 -18.43
N SER A 274 -0.60 14.57 -18.04
CA SER A 274 -0.32 14.73 -16.62
C SER A 274 -1.21 15.81 -16.02
N LYS A 275 -1.41 15.74 -14.71
CA LYS A 275 -2.24 16.71 -14.01
C LYS A 275 -1.64 18.13 -14.16
N ASP A 276 -0.32 18.22 -14.12
CA ASP A 276 0.35 19.51 -14.25
C ASP A 276 0.17 20.12 -15.63
N GLN A 277 0.35 19.31 -16.67
CA GLN A 277 0.17 19.78 -18.05
C GLN A 277 -1.23 20.34 -18.22
N ILE A 278 -2.23 19.56 -17.82
CA ILE A 278 -3.61 19.96 -17.99
C ILE A 278 -3.95 21.21 -17.16
N SER A 279 -3.45 21.24 -15.92
CA SER A 279 -3.74 22.38 -15.06
C SER A 279 -3.07 23.65 -15.61
N ASP A 280 -1.89 23.50 -16.21
CA ASP A 280 -1.22 24.60 -16.89
C ASP A 280 -2.01 25.12 -18.11
N LEU A 281 -2.73 24.23 -18.79
CA LEU A 281 -3.47 24.58 -19.99
C LEU A 281 -4.78 25.28 -19.70
N ILE A 282 -5.51 24.79 -18.70
CA ILE A 282 -6.88 25.23 -18.52
C ILE A 282 -7.06 26.53 -17.73
N THR A 283 -5.99 27.30 -17.58
CA THR A 283 -6.14 28.65 -17.04
C THR A 283 -6.64 29.59 -18.11
N SER A 284 -6.65 29.12 -19.36
CA SER A 284 -6.99 29.97 -20.50
C SER A 284 -7.68 29.19 -21.63
N LYS A 285 -8.88 29.64 -22.01
CA LYS A 285 -9.60 28.99 -23.09
C LYS A 285 -8.76 29.03 -24.36
N SER A 286 -8.11 30.16 -24.60
CA SER A 286 -7.32 30.32 -25.81
C SER A 286 -6.10 29.40 -25.80
N ARG A 287 -5.52 29.21 -24.61
CA ARG A 287 -4.37 28.35 -24.45
C ARG A 287 -4.71 26.89 -24.78
N VAL A 288 -5.85 26.41 -24.29
CA VAL A 288 -6.36 25.07 -24.60
C VAL A 288 -6.65 24.90 -26.09
N ARG A 289 -7.32 25.89 -26.68
CA ARG A 289 -7.71 25.83 -28.08
C ARG A 289 -6.47 25.74 -28.97
N GLU A 290 -5.49 26.60 -28.72
CA GLU A 290 -4.29 26.60 -29.52
C GLU A 290 -3.46 25.32 -29.35
N PHE A 291 -3.40 24.80 -28.12
CA PHE A 291 -2.81 23.47 -27.84
C PHE A 291 -3.41 22.37 -28.74
N LEU A 292 -4.74 22.33 -28.80
CA LEU A 292 -5.41 21.31 -29.62
C LEU A 292 -5.13 21.46 -31.11
N ILE A 293 -5.19 22.70 -31.60
CA ILE A 293 -4.96 22.97 -33.02
C ILE A 293 -3.55 22.57 -33.42
N GLU A 294 -2.58 22.94 -32.58
CA GLU A 294 -1.18 22.65 -32.85
C GLU A 294 -0.84 21.17 -32.84
N ASN A 295 -1.35 20.44 -31.85
CA ASN A 295 -0.98 19.04 -31.67
C ASN A 295 -1.84 18.03 -32.43
N PHE A 296 -3.10 18.41 -32.65
CA PHE A 296 -4.07 17.54 -33.31
C PHE A 296 -4.78 18.27 -34.47
N PRO A 297 -3.99 18.73 -35.45
CA PRO A 297 -4.59 19.59 -36.48
C PRO A 297 -5.66 18.88 -37.30
N ASP A 298 -5.58 17.56 -37.45
CA ASP A 298 -6.59 16.87 -38.23
C ASP A 298 -7.86 16.51 -37.44
N ILE A 299 -8.04 17.06 -36.23
CA ILE A 299 -9.33 16.87 -35.57
C ILE A 299 -10.21 18.12 -35.67
N ILE A 300 -9.65 19.21 -36.18
CA ILE A 300 -10.35 20.50 -36.29
C ILE A 300 -11.67 20.40 -37.08
N ASN A 301 -11.66 19.57 -38.11
CA ASN A 301 -12.84 19.38 -38.95
C ASN A 301 -13.91 18.42 -38.43
N ILE A 302 -13.56 17.62 -37.45
CA ILE A 302 -14.44 16.53 -37.05
C ILE A 302 -14.82 16.60 -35.57
N MET A 303 -14.23 17.55 -34.86
CA MET A 303 -14.57 17.77 -33.47
C MET A 303 -14.90 19.23 -33.21
N ASP A 304 -15.96 19.46 -32.45
CA ASP A 304 -16.34 20.80 -32.02
C ASP A 304 -15.29 21.33 -31.04
N LEU A 305 -14.42 22.22 -31.50
CA LEU A 305 -13.29 22.63 -30.67
C LEU A 305 -13.74 23.49 -29.50
N ASP A 306 -14.81 24.26 -29.70
CA ASP A 306 -15.31 25.08 -28.60
C ASP A 306 -15.87 24.22 -27.49
N ASP A 307 -16.56 23.15 -27.86
CA ASP A 307 -17.05 22.21 -26.87
C ASP A 307 -15.89 21.47 -26.20
N ALA A 308 -14.86 21.15 -26.98
CA ALA A 308 -13.70 20.43 -26.46
C ALA A 308 -13.00 21.23 -25.39
N VAL A 309 -12.77 22.52 -25.68
CA VAL A 309 -12.16 23.41 -24.71
C VAL A 309 -12.95 23.37 -23.41
N LYS A 310 -14.27 23.50 -23.50
CA LYS A 310 -15.11 23.49 -22.31
C LYS A 310 -14.99 22.17 -21.54
N ARG A 311 -14.85 21.06 -22.24
CA ARG A 311 -14.64 19.76 -21.60
C ARG A 311 -13.30 19.72 -20.84
N PHE A 312 -12.25 20.29 -21.42
CA PHE A 312 -10.98 20.42 -20.72
C PHE A 312 -11.16 21.23 -19.44
N ILE A 313 -11.69 22.45 -19.59
CA ILE A 313 -11.75 23.40 -18.48
C ILE A 313 -12.57 22.85 -17.31
N THR A 314 -13.73 22.33 -17.61
CA THR A 314 -14.66 21.90 -16.57
C THR A 314 -14.55 20.41 -16.25
N TYR A 315 -13.45 19.76 -16.66
CA TYR A 315 -13.33 18.33 -16.42
C TYR A 315 -13.28 18.11 -14.92
N PRO A 316 -13.91 17.04 -14.43
CA PRO A 316 -14.13 16.81 -13.00
C PRO A 316 -12.91 16.22 -12.29
N LYS A 317 -12.98 16.22 -10.95
CA LYS A 317 -11.89 15.70 -10.14
C LYS A 317 -11.73 14.20 -10.39
N GLU A 318 -10.49 13.79 -10.58
CA GLU A 318 -10.19 12.40 -10.86
C GLU A 318 -9.12 11.88 -9.94
N SER A 319 -9.26 10.61 -9.55
CA SER A 319 -8.23 9.95 -8.79
C SER A 319 -7.94 8.63 -9.46
N LEU A 320 -6.93 8.63 -10.31
CA LEU A 320 -6.49 7.37 -10.89
C LEU A 320 -5.50 6.73 -9.93
N VAL A 321 -5.89 5.60 -9.36
CA VAL A 321 -5.01 4.92 -8.41
C VAL A 321 -4.67 3.50 -8.89
N CYS A 322 -3.40 3.14 -8.75
N CYS A 322 -3.40 3.13 -8.72
CA CYS A 322 -2.95 1.79 -9.01
CA CYS A 322 -2.91 1.80 -9.07
C CYS A 322 -2.83 1.04 -7.72
C CYS A 322 -2.70 0.99 -7.79
N VAL A 323 -3.36 -0.17 -7.71
CA VAL A 323 -3.42 -0.97 -6.51
C VAL A 323 -2.93 -2.36 -6.80
N ASN A 324 -2.18 -2.90 -5.85
CA ASN A 324 -1.78 -4.28 -5.92
C ASN A 324 -1.80 -4.91 -4.54
N CYS A 325 -1.95 -6.22 -4.49
CA CYS A 325 -1.98 -6.86 -3.20
C CYS A 325 -1.75 -8.35 -3.35
N LYS A 326 -1.46 -8.98 -2.21
CA LYS A 326 -1.04 -10.36 -2.17
C LYS A 326 -1.19 -10.80 -0.71
N PRO A 327 -1.96 -11.87 -0.44
CA PRO A 327 -2.70 -12.69 -1.42
C PRO A 327 -4.04 -12.10 -1.81
N TYR A 328 -4.69 -12.73 -2.80
CA TYR A 328 -6.03 -12.33 -3.22
C TYR A 328 -7.13 -13.05 -2.40
N ASP A 329 -6.76 -14.00 -1.56
CA ASP A 329 -7.77 -14.82 -0.86
C ASP A 329 -7.59 -14.87 0.64
N VAL A 330 -8.69 -15.12 1.35
CA VAL A 330 -8.67 -15.55 2.76
C VAL A 330 -8.63 -17.08 2.78
N PRO A 331 -7.59 -17.64 3.43
CA PRO A 331 -7.37 -19.09 3.57
C PRO A 331 -8.63 -19.85 3.91
N GLY A 332 -8.73 -21.10 3.47
CA GLY A 332 -9.92 -21.89 3.74
C GLY A 332 -11.06 -21.56 2.79
N GLY A 333 -10.76 -20.87 1.69
CA GLY A 333 -11.76 -20.59 0.65
C GLY A 333 -12.79 -19.57 1.07
N LYS A 334 -12.47 -18.71 2.03
CA LYS A 334 -13.51 -17.84 2.57
C LYS A 334 -13.77 -16.56 1.78
N ALA A 335 -12.80 -16.11 1.00
CA ALA A 335 -13.05 -14.92 0.19
C ALA A 335 -11.99 -14.80 -0.86
N ILE A 336 -12.31 -14.04 -1.91
CA ILE A 336 -11.37 -13.82 -2.99
C ILE A 336 -11.67 -12.44 -3.63
N LEU A 337 -10.65 -11.84 -4.20
CA LEU A 337 -10.75 -10.52 -4.81
C LEU A 337 -10.55 -10.66 -6.29
N LEU A 338 -11.44 -10.02 -7.05
CA LEU A 338 -11.36 -10.01 -8.50
C LEU A 338 -11.45 -8.57 -9.02
N GLY A 339 -10.90 -8.33 -10.20
CA GLY A 339 -11.10 -7.05 -10.85
C GLY A 339 -10.24 -5.97 -10.20
N ASP A 340 -10.70 -4.71 -10.27
CA ASP A 340 -9.92 -3.58 -9.73
C ASP A 340 -9.65 -3.71 -8.23
N ALA A 341 -10.53 -4.40 -7.50
CA ALA A 341 -10.30 -4.69 -6.08
C ALA A 341 -8.99 -5.43 -5.83
N ALA A 342 -8.62 -6.28 -6.78
CA ALA A 342 -7.39 -7.05 -6.70
C ALA A 342 -6.21 -6.31 -7.33
N HIS A 343 -6.45 -5.61 -8.44
CA HIS A 343 -5.32 -5.13 -9.23
C HIS A 343 -5.64 -3.93 -10.14
N ALA A 344 -6.18 -2.85 -9.58
CA ALA A 344 -6.46 -1.64 -10.37
C ALA A 344 -5.23 -1.14 -11.14
N MET A 345 -5.35 -0.95 -12.44
CA MET A 345 -4.17 -0.56 -13.17
C MET A 345 -4.41 0.70 -14.00
N VAL A 346 -3.34 1.14 -14.66
CA VAL A 346 -3.34 2.36 -15.45
C VAL A 346 -4.28 2.22 -16.63
N PRO A 347 -5.13 3.22 -16.85
CA PRO A 347 -5.98 3.23 -18.05
C PRO A 347 -5.17 3.16 -19.35
N PHE A 348 -5.72 2.50 -20.37
CA PHE A 348 -5.18 2.37 -21.73
C PHE A 348 -3.94 1.53 -21.82
N TYR A 349 -2.91 1.86 -21.05
CA TYR A 349 -1.67 1.08 -21.05
C TYR A 349 -1.91 -0.25 -20.39
N GLY A 350 -2.87 -0.27 -19.49
CA GLY A 350 -3.36 -1.49 -18.89
C GLY A 350 -4.78 -1.66 -19.39
N GLN A 351 -5.32 -2.87 -19.31
CA GLN A 351 -6.69 -3.10 -19.74
C GLN A 351 -7.48 -3.78 -18.64
N GLY A 352 -7.97 -2.96 -17.72
CA GLY A 352 -8.54 -3.43 -16.47
C GLY A 352 -9.77 -4.32 -16.60
N MET A 353 -10.73 -3.93 -17.44
CA MET A 353 -11.93 -4.75 -17.57
C MET A 353 -11.56 -6.12 -18.13
N ASN A 354 -10.74 -6.11 -19.17
CA ASN A 354 -10.33 -7.36 -19.79
C ASN A 354 -9.60 -8.28 -18.79
N CYS A 355 -8.72 -7.70 -17.98
N CYS A 355 -8.72 -7.68 -18.00
CA CYS A 355 -8.01 -8.48 -16.98
CA CYS A 355 -8.00 -8.42 -16.98
C CYS A 355 -8.96 -9.03 -15.92
C CYS A 355 -8.97 -9.02 -15.96
N GLY A 356 -9.94 -8.22 -15.51
CA GLY A 356 -10.95 -8.69 -14.57
C GLY A 356 -11.84 -9.81 -15.09
N PHE A 357 -12.18 -9.74 -16.38
CA PHE A 357 -12.96 -10.78 -17.05
C PHE A 357 -12.16 -12.06 -17.06
N GLU A 358 -10.88 -11.94 -17.41
CA GLU A 358 -9.97 -13.07 -17.38
C GLU A 358 -9.81 -13.64 -15.95
N ASP A 359 -9.82 -12.76 -14.94
CA ASP A 359 -9.83 -13.21 -13.53
C ASP A 359 -10.91 -14.27 -13.30
N VAL A 360 -12.13 -13.94 -13.73
CA VAL A 360 -13.30 -14.81 -13.49
C VAL A 360 -13.13 -16.14 -14.21
N ARG A 361 -12.71 -16.10 -15.47
CA ARG A 361 -12.53 -17.30 -16.27
C ARG A 361 -11.51 -18.24 -15.63
N ILE A 362 -10.38 -17.68 -15.24
CA ILE A 362 -9.33 -18.45 -14.59
C ILE A 362 -9.81 -19.07 -13.27
N LEU A 363 -10.51 -18.28 -12.47
CA LEU A 363 -11.03 -18.78 -11.19
C LEU A 363 -12.03 -19.95 -11.38
N MET A 364 -12.98 -19.79 -12.30
CA MET A 364 -13.95 -20.86 -12.56
C MET A 364 -13.26 -22.15 -13.04
N ALA A 365 -12.26 -22.01 -13.89
CA ALA A 365 -11.51 -23.18 -14.35
C ALA A 365 -10.76 -23.85 -13.19
N LEU A 366 -10.24 -23.07 -12.25
CA LEU A 366 -9.59 -23.66 -11.10
C LEU A 366 -10.58 -24.37 -10.17
N LEU A 367 -11.76 -23.77 -10.01
CA LEU A 367 -12.78 -24.40 -9.17
C LEU A 367 -13.18 -25.75 -9.76
N LYS A 368 -13.34 -25.78 -11.09
CA LYS A 368 -13.69 -27.02 -11.77
C LYS A 368 -12.57 -28.03 -11.66
N LYS A 369 -11.32 -27.57 -11.84
CA LYS A 369 -10.16 -28.44 -11.73
C LYS A 369 -10.06 -29.07 -10.33
N HIS A 370 -10.59 -28.35 -9.35
CA HIS A 370 -10.50 -28.81 -7.96
C HIS A 370 -11.84 -29.36 -7.47
N SER A 371 -12.77 -29.58 -8.39
CA SER A 371 -14.09 -30.12 -8.09
C SER A 371 -14.82 -29.38 -6.98
N GLY A 372 -14.73 -28.06 -6.99
CA GLY A 372 -15.50 -27.27 -6.04
C GLY A 372 -14.83 -27.07 -4.69
N ASP A 373 -13.60 -27.55 -4.55
CA ASP A 373 -12.79 -27.28 -3.34
C ASP A 373 -12.29 -25.82 -3.36
N ARG A 374 -13.05 -24.93 -2.73
CA ARG A 374 -12.76 -23.48 -2.78
C ARG A 374 -11.44 -23.15 -2.10
N SER A 375 -11.13 -23.87 -1.03
CA SER A 375 -9.91 -23.60 -0.30
C SER A 375 -8.67 -23.83 -1.17
N ARG A 376 -8.63 -24.96 -1.88
CA ARG A 376 -7.50 -25.27 -2.73
C ARG A 376 -7.53 -24.44 -4.04
N ALA A 377 -8.72 -24.21 -4.59
CA ALA A 377 -8.86 -23.38 -5.78
C ALA A 377 -8.43 -21.96 -5.51
N PHE A 378 -8.87 -21.38 -4.39
CA PHE A 378 -8.55 -19.96 -4.14
C PHE A 378 -7.04 -19.83 -3.88
N THR A 379 -6.47 -20.83 -3.22
CA THR A 379 -5.03 -20.82 -2.93
C THR A 379 -4.23 -20.89 -4.22
N GLU A 380 -4.62 -21.78 -5.13
CA GLU A 380 -3.90 -21.86 -6.37
C GLU A 380 -4.12 -20.59 -7.20
N TYR A 381 -5.32 -20.01 -7.08
CA TYR A 381 -5.63 -18.79 -7.86
C TYR A 381 -4.65 -17.67 -7.50
N THR A 382 -4.48 -17.42 -6.21
CA THR A 382 -3.63 -16.30 -5.82
C THR A 382 -2.18 -16.56 -6.25
N GLN A 383 -1.69 -17.79 -6.14
CA GLN A 383 -0.34 -18.08 -6.61
C GLN A 383 -0.18 -17.83 -8.13
N THR A 384 -1.04 -18.44 -8.95
CA THR A 384 -0.86 -18.31 -10.39
C THR A 384 -1.26 -16.93 -10.96
N ARG A 385 -2.24 -16.26 -10.37
CA ARG A 385 -2.68 -14.99 -10.93
C ARG A 385 -1.64 -13.91 -10.67
N HIS A 386 -0.99 -13.99 -9.50
CA HIS A 386 0.02 -13.01 -9.18
C HIS A 386 1.19 -13.06 -10.10
N LYS A 387 1.56 -14.28 -10.49
CA LYS A 387 2.58 -14.46 -11.52
C LYS A 387 2.13 -13.76 -12.80
N ASP A 388 0.89 -14.00 -13.22
CA ASP A 388 0.38 -13.34 -14.42
C ASP A 388 0.46 -11.82 -14.29
N LEU A 389 0.08 -11.30 -13.13
CA LEU A 389 -0.09 -9.87 -13.00
C LEU A 389 1.23 -9.09 -12.90
N VAL A 390 2.31 -9.73 -12.47
CA VAL A 390 3.59 -9.03 -12.54
C VAL A 390 3.96 -8.84 -14.01
N SER A 391 3.73 -9.86 -14.83
CA SER A 391 4.02 -9.78 -16.26
C SER A 391 3.13 -8.74 -16.95
N ILE A 392 1.83 -8.77 -16.63
CA ILE A 392 0.89 -7.79 -17.16
C ILE A 392 1.33 -6.36 -16.86
N THR A 393 1.67 -6.10 -15.60
CA THR A 393 2.19 -4.80 -15.21
C THR A 393 3.52 -4.50 -15.93
N GLU A 394 4.30 -5.54 -16.18
CA GLU A 394 5.57 -5.37 -16.88
C GLU A 394 5.32 -4.85 -18.31
N LEU A 395 4.44 -5.50 -19.05
CA LEU A 395 4.23 -5.08 -20.44
C LEU A 395 3.46 -3.75 -20.51
N ALA A 396 2.67 -3.44 -19.49
CA ALA A 396 2.02 -2.14 -19.41
C ALA A 396 3.05 -1.00 -19.38
N LYS A 397 4.07 -1.14 -18.53
CA LYS A 397 5.04 -0.05 -18.40
C LYS A 397 5.88 0.05 -19.68
N ARG A 398 6.23 -1.10 -20.24
CA ARG A 398 6.94 -1.15 -21.52
C ARG A 398 6.10 -0.52 -22.62
N ASN A 399 4.79 -0.71 -22.54
CA ASN A 399 3.88 -0.11 -23.48
C ASN A 399 3.82 1.41 -23.30
N TYR A 400 3.83 1.85 -22.03
CA TYR A 400 3.89 3.27 -21.73
C TYR A 400 5.17 3.88 -22.31
N LYS A 401 6.27 3.15 -22.15
CA LYS A 401 7.57 3.59 -22.62
C LYS A 401 7.62 3.83 -24.13
N GLU A 402 7.17 2.85 -24.92
CA GLU A 402 7.25 2.97 -26.38
C GLU A 402 6.20 3.94 -26.97
N MET A 403 5.06 4.06 -26.31
CA MET A 403 3.95 4.79 -26.91
C MET A 403 3.88 6.24 -26.46
N SER A 404 4.45 6.56 -25.29
CA SER A 404 4.23 7.87 -24.71
C SER A 404 5.48 8.49 -24.10
N HIS A 405 6.37 7.67 -23.59
CA HIS A 405 7.58 8.26 -23.01
C HIS A 405 8.60 8.57 -24.11
N ASP A 406 8.87 7.61 -24.97
CA ASP A 406 9.92 7.71 -25.97
C ASP A 406 9.43 8.40 -27.26
N VAL A 407 8.81 9.57 -27.14
CA VAL A 407 8.25 10.23 -28.32
C VAL A 407 8.93 11.57 -28.57
N THR A 408 9.97 11.58 -29.42
CA THR A 408 10.75 12.80 -29.66
C THR A 408 10.93 13.14 -31.13
N SER A 409 10.56 12.22 -31.99
CA SER A 409 10.62 12.41 -33.43
C SER A 409 9.90 13.68 -33.89
N LYS A 410 10.40 14.28 -34.98
CA LYS A 410 9.83 15.52 -35.49
C LYS A 410 8.40 15.30 -36.01
N ARG A 411 8.07 14.09 -36.40
CA ARG A 411 6.69 13.77 -36.83
C ARG A 411 5.67 13.78 -35.67
N PHE A 412 6.15 13.66 -34.44
CA PHE A 412 5.24 13.51 -33.30
C PHE A 412 5.39 14.53 -32.19
N LEU A 413 6.52 15.24 -32.18
CA LEU A 413 6.77 16.23 -31.15
C LEU A 413 7.01 17.57 -31.84
N LEU A 414 6.21 18.56 -31.47
CA LEU A 414 6.30 19.90 -32.04
C LEU A 414 7.57 20.60 -31.64
N ARG A 415 8.15 21.36 -32.56
CA ARG A 415 9.17 22.34 -32.28
C ARG A 415 8.57 23.73 -32.51
N LYS A 416 8.62 24.61 -31.51
CA LYS A 416 8.01 25.94 -31.64
C LYS A 416 8.91 27.06 -31.09
N GLU B 29 -1.14 27.03 20.52
CA GLU B 29 -1.76 26.04 19.64
C GLU B 29 -1.77 24.65 20.27
N SER B 30 -2.83 23.90 20.02
CA SER B 30 -2.98 22.55 20.59
C SER B 30 -2.61 21.44 19.60
N VAL B 31 -2.02 20.37 20.12
CA VAL B 31 -1.69 19.21 19.28
C VAL B 31 -1.90 17.89 20.02
N ALA B 32 -2.65 17.01 19.38
CA ALA B 32 -2.76 15.64 19.84
C ALA B 32 -1.61 14.82 19.22
N ILE B 33 -0.84 14.17 20.08
CA ILE B 33 0.17 13.24 19.60
C ILE B 33 -0.31 11.84 19.92
N ILE B 34 -0.48 11.04 18.87
CA ILE B 34 -1.09 9.73 19.02
C ILE B 34 0.01 8.70 19.11
N GLY B 35 0.12 8.05 20.26
CA GLY B 35 1.13 7.01 20.46
C GLY B 35 2.23 7.48 21.36
N ALA B 36 2.42 6.81 22.50
CA ALA B 36 3.51 7.20 23.40
C ALA B 36 4.61 6.15 23.43
N GLY B 37 5.04 5.70 22.25
CA GLY B 37 6.25 4.93 22.13
C GLY B 37 7.40 5.88 22.23
N LEU B 38 8.61 5.42 21.88
CA LEU B 38 9.80 6.25 21.99
C LEU B 38 9.67 7.50 21.13
N VAL B 39 9.11 7.36 19.93
CA VAL B 39 9.08 8.51 19.03
C VAL B 39 8.05 9.54 19.46
N GLY B 40 6.86 9.07 19.79
CA GLY B 40 5.81 9.91 20.36
C GLY B 40 6.24 10.69 21.59
N CYS B 41 6.95 10.03 22.51
CA CYS B 41 7.48 10.72 23.69
C CYS B 41 8.47 11.82 23.33
N LEU B 42 9.40 11.54 22.42
CA LEU B 42 10.36 12.54 22.05
C LEU B 42 9.68 13.70 21.32
N ALA B 43 8.69 13.36 20.48
CA ALA B 43 7.93 14.39 19.74
C ALA B 43 7.14 15.26 20.72
N ALA B 44 6.48 14.63 21.69
CA ALA B 44 5.73 15.36 22.72
C ALA B 44 6.64 16.26 23.54
N LEU B 45 7.89 15.83 23.71
CA LEU B 45 8.87 16.60 24.44
C LEU B 45 9.24 17.84 23.65
N ALA B 46 9.60 17.64 22.39
CA ALA B 46 10.04 18.72 21.50
C ALA B 46 8.99 19.80 21.30
N PHE B 47 7.73 19.39 21.19
CA PHE B 47 6.61 20.32 20.96
C PHE B 47 6.18 21.07 22.23
N SER B 48 6.18 20.38 23.37
CA SER B 48 5.84 21.06 24.63
C SER B 48 6.91 22.08 24.96
N LYS B 49 8.17 21.72 24.70
CA LYS B 49 9.30 22.62 24.89
C LYS B 49 9.10 23.92 24.12
N GLU B 50 8.75 23.81 22.83
CA GLU B 50 8.56 24.99 21.99
C GLU B 50 7.36 25.84 22.39
N GLY B 51 6.54 25.33 23.29
CA GLY B 51 5.42 26.10 23.81
C GLY B 51 4.03 25.62 23.43
N TYR B 52 3.92 24.60 22.59
CA TYR B 52 2.57 24.15 22.21
C TYR B 52 1.91 23.50 23.41
N ASN B 53 0.59 23.39 23.37
CA ASN B 53 -0.12 22.62 24.38
C ASN B 53 -0.30 21.18 23.93
N VAL B 54 0.57 20.32 24.44
CA VAL B 54 0.63 18.92 23.99
C VAL B 54 -0.26 18.01 24.82
N THR B 55 -1.08 17.22 24.15
CA THR B 55 -1.75 16.11 24.79
C THR B 55 -1.29 14.80 24.11
N LEU B 56 -0.64 13.94 24.90
CA LEU B 56 -0.05 12.70 24.41
C LEU B 56 -0.93 11.52 24.78
N TYR B 57 -1.38 10.79 23.77
CA TYR B 57 -2.29 9.66 23.94
C TYR B 57 -1.60 8.29 23.73
N ASP B 58 -2.20 7.26 24.32
CA ASP B 58 -1.84 5.87 24.05
C ASP B 58 -2.95 4.95 24.56
N PHE B 59 -3.12 3.77 23.97
CA PHE B 59 -4.12 2.85 24.48
C PHE B 59 -3.59 1.91 25.58
N ARG B 60 -2.33 2.11 26.00
CA ARG B 60 -1.73 1.29 27.05
C ARG B 60 -1.64 2.09 28.35
N GLN B 61 -1.01 1.54 29.41
CA GLN B 61 -0.80 2.31 30.64
C GLN B 61 0.64 2.80 30.79
N ASP B 62 0.87 3.69 31.75
CA ASP B 62 2.20 4.26 32.02
C ASP B 62 3.17 3.14 32.43
N PRO B 63 4.20 2.88 31.59
CA PRO B 63 5.20 1.85 31.87
C PRO B 63 6.04 2.13 33.12
N ARG B 64 6.04 3.36 33.62
CA ARG B 64 6.70 3.67 34.89
C ARG B 64 5.89 3.06 36.04
N LEU B 65 4.65 2.68 35.74
CA LEU B 65 3.79 1.97 36.69
C LEU B 65 3.00 0.89 35.95
N LEU B 73 11.45 -8.72 29.30
CA LEU B 73 11.21 -7.58 28.44
C LEU B 73 11.93 -6.34 28.94
N LYS B 74 12.13 -6.26 30.24
CA LYS B 74 12.71 -5.06 30.84
C LYS B 74 14.23 -5.11 30.88
N SER B 75 14.81 -6.25 30.53
CA SER B 75 16.26 -6.33 30.42
C SER B 75 16.77 -5.90 29.03
N ILE B 76 15.85 -5.72 28.09
CA ILE B 76 16.20 -5.53 26.69
C ILE B 76 16.88 -4.19 26.39
N ASN B 77 18.16 -4.24 26.02
CA ASN B 77 18.87 -3.05 25.56
C ASN B 77 18.77 -2.91 24.05
N LEU B 78 18.78 -1.66 23.59
CA LEU B 78 18.78 -1.41 22.15
C LEU B 78 19.96 -0.50 21.79
N ALA B 79 20.17 -0.33 20.49
CA ALA B 79 21.33 0.41 20.00
C ALA B 79 20.93 1.81 19.55
N ILE B 80 21.54 2.82 20.17
CA ILE B 80 21.28 4.20 19.78
C ILE B 80 22.54 4.76 19.11
N SER B 81 22.33 5.45 17.99
CA SER B 81 23.44 5.93 17.19
C SER B 81 23.75 7.39 17.56
N ALA B 82 24.80 7.92 16.93
CA ALA B 82 25.17 9.31 17.10
C ALA B 82 24.01 10.22 16.72
N ARG B 83 23.37 9.93 15.60
CA ARG B 83 22.24 10.73 15.15
C ARG B 83 21.12 10.70 16.18
N GLY B 84 20.80 9.49 16.67
CA GLY B 84 19.78 9.35 17.69
C GLY B 84 20.15 10.15 18.94
N ILE B 85 21.41 10.13 19.33
CA ILE B 85 21.84 10.89 20.51
C ILE B 85 21.71 12.41 20.27
N ASP B 86 22.25 12.88 19.16
CA ASP B 86 22.16 14.29 18.78
C ASP B 86 20.73 14.79 18.75
N ALA B 87 19.82 13.97 18.23
CA ALA B 87 18.41 14.32 18.19
C ALA B 87 17.90 14.57 19.59
N LEU B 88 18.24 13.66 20.50
CA LEU B 88 17.82 13.77 21.89
C LEU B 88 18.49 14.99 22.52
N LYS B 89 19.74 15.23 22.14
CA LYS B 89 20.54 16.34 22.67
C LYS B 89 19.99 17.69 22.25
N SER B 90 19.22 17.72 21.16
CA SER B 90 18.73 18.97 20.61
C SER B 90 17.37 19.32 21.17
N ILE B 91 16.81 18.45 21.99
CA ILE B 91 15.43 18.59 22.44
C ILE B 91 15.33 18.63 23.96
N ASP B 92 16.25 17.95 24.63
CA ASP B 92 16.28 18.01 26.08
C ASP B 92 17.72 17.91 26.57
N PRO B 93 18.53 18.94 26.26
CA PRO B 93 19.98 18.85 26.43
C PRO B 93 20.40 18.68 27.89
N ASP B 94 19.54 19.07 28.81
CA ASP B 94 19.92 19.14 30.21
C ASP B 94 19.43 17.94 31.00
N ALA B 95 18.74 17.03 30.31
CA ALA B 95 18.43 15.74 30.90
C ALA B 95 19.24 14.69 30.16
N CYS B 96 19.83 15.11 29.04
CA CYS B 96 20.40 14.16 28.08
C CYS B 96 21.61 13.39 28.62
N GLU B 97 22.55 14.09 29.25
CA GLU B 97 23.70 13.41 29.83
C GLU B 97 23.23 12.44 30.91
N HIS B 98 22.14 12.78 31.58
CA HIS B 98 21.57 11.88 32.58
C HIS B 98 20.81 10.72 31.95
N ILE B 99 20.20 10.97 30.80
CA ILE B 99 19.44 9.92 30.13
C ILE B 99 20.39 8.85 29.57
N LEU B 100 21.58 9.27 29.20
CA LEU B 100 22.53 8.40 28.51
C LEU B 100 23.72 8.00 29.37
N GLN B 101 23.60 8.07 30.68
CA GLN B 101 24.79 7.90 31.53
C GLN B 101 25.25 6.44 31.62
N ASP B 102 24.31 5.51 31.54
CA ASP B 102 24.65 4.10 31.61
C ASP B 102 24.83 3.45 30.24
N MET B 103 24.84 4.25 29.19
CA MET B 103 24.95 3.67 27.86
C MET B 103 26.36 3.13 27.65
N ILE B 104 26.45 2.05 26.89
CA ILE B 104 27.72 1.40 26.65
C ILE B 104 28.10 1.62 25.20
N PRO B 105 29.18 2.39 24.96
CA PRO B 105 29.61 2.64 23.59
C PRO B 105 30.19 1.38 22.99
N MET B 106 29.92 1.12 21.73
CA MET B 106 30.62 0.01 21.10
C MET B 106 31.53 0.51 19.97
N LYS B 107 32.70 -0.11 19.86
CA LYS B 107 33.72 0.36 18.93
C LYS B 107 33.82 -0.55 17.72
N GLY B 108 32.96 -1.56 17.66
CA GLY B 108 32.90 -2.39 16.48
C GLY B 108 32.01 -3.59 16.64
N ARG B 109 32.14 -4.54 15.73
CA ARG B 109 31.39 -5.77 15.83
C ARG B 109 32.34 -6.93 16.01
N MET B 110 31.87 -7.93 16.73
CA MET B 110 32.67 -9.14 16.97
C MET B 110 31.96 -10.26 16.24
N ILE B 111 32.62 -10.82 15.22
CA ILE B 111 31.99 -11.86 14.40
C ILE B 111 32.37 -13.23 14.91
N HIS B 112 31.36 -14.04 15.25
CA HIS B 112 31.58 -15.40 15.74
C HIS B 112 31.30 -16.40 14.61
N ASP B 113 32.33 -17.03 14.06
CA ASP B 113 32.06 -17.97 12.96
C ASP B 113 31.48 -19.28 13.49
N LEU B 114 31.18 -20.20 12.58
CA LEU B 114 30.48 -21.43 12.97
C LEU B 114 31.29 -22.37 13.86
N LYS B 115 32.59 -22.14 14.02
CA LYS B 115 33.32 -22.95 15.00
C LYS B 115 33.68 -22.21 16.29
N GLY B 116 33.08 -21.03 16.48
CA GLY B 116 33.24 -20.28 17.72
C GLY B 116 34.46 -19.41 17.73
N ARG B 117 35.06 -19.18 16.58
CA ARG B 117 36.18 -18.24 16.52
C ARG B 117 35.62 -16.83 16.41
N GLN B 118 36.24 -15.89 17.10
CA GLN B 118 35.80 -14.50 17.11
C GLN B 118 36.77 -13.60 16.36
N GLU B 119 36.23 -12.68 15.58
CA GLU B 119 37.04 -11.67 14.92
C GLU B 119 36.48 -10.28 15.18
N SER B 120 37.35 -9.38 15.64
CA SER B 120 36.96 -8.02 15.95
C SER B 120 37.06 -7.13 14.73
N GLN B 121 35.94 -6.51 14.36
CA GLN B 121 35.91 -5.57 13.25
C GLN B 121 35.51 -4.17 13.73
N LEU B 122 36.50 -3.31 13.87
CA LEU B 122 36.25 -1.99 14.43
C LEU B 122 35.57 -1.09 13.42
N TYR B 123 34.70 -0.21 13.92
CA TYR B 123 33.88 0.64 13.05
C TYR B 123 34.77 1.55 12.23
N GLY B 124 34.53 1.53 10.92
CA GLY B 124 35.32 2.32 10.00
C GLY B 124 34.79 3.72 9.68
N LEU B 125 35.41 4.32 8.68
CA LEU B 125 35.01 5.62 8.14
C LEU B 125 33.54 5.67 7.77
N HIS B 126 33.02 4.55 7.27
CA HIS B 126 31.65 4.46 6.77
C HIS B 126 30.69 3.90 7.82
N GLY B 127 31.23 3.35 8.89
CA GLY B 127 30.41 2.84 9.97
C GLY B 127 29.85 3.96 10.83
N GLU B 128 28.70 3.70 11.45
CA GLU B 128 28.15 4.63 12.42
C GLU B 128 28.32 4.02 13.81
N ALA B 129 28.77 4.82 14.76
CA ALA B 129 28.97 4.30 16.10
C ALA B 129 27.62 4.11 16.77
N ILE B 130 27.50 3.04 17.54
CA ILE B 130 26.27 2.80 18.25
C ILE B 130 26.58 2.60 19.72
N ASN B 131 25.55 2.77 20.55
CA ASN B 131 25.70 2.67 21.97
C ASN B 131 24.55 1.83 22.50
N SER B 132 24.85 0.93 23.43
CA SER B 132 23.83 0.11 24.05
C SER B 132 23.16 0.83 25.20
N ILE B 133 21.83 0.92 25.15
CA ILE B 133 21.07 1.55 26.20
C ILE B 133 19.79 0.76 26.43
N ASN B 134 19.31 0.75 27.66
CA ASN B 134 18.13 -0.06 27.99
C ASN B 134 16.84 0.59 27.50
N ARG B 135 16.01 -0.19 26.79
CA ARG B 135 14.84 0.37 26.12
C ARG B 135 13.83 0.88 27.13
N SER B 136 13.56 0.07 28.14
CA SER B 136 12.56 0.43 29.14
C SER B 136 13.02 1.68 29.90
N VAL B 137 14.28 1.68 30.35
CA VAL B 137 14.83 2.82 31.10
C VAL B 137 14.81 4.10 30.26
N LEU B 138 15.03 3.96 28.96
CA LEU B 138 14.98 5.11 28.08
C LEU B 138 13.55 5.66 27.99
N ASN B 139 12.58 4.81 27.72
CA ASN B 139 11.20 5.27 27.60
C ASN B 139 10.71 5.90 28.91
N ASN B 140 11.07 5.28 30.03
CA ASN B 140 10.73 5.79 31.35
C ASN B 140 11.31 7.16 31.64
N SER B 141 12.57 7.34 31.24
CA SER B 141 13.26 8.59 31.45
C SER B 141 12.62 9.69 30.59
N LEU B 142 12.03 9.31 29.47
CA LEU B 142 11.33 10.27 28.62
C LEU B 142 10.01 10.66 29.29
N LEU B 143 9.35 9.69 29.89
CA LEU B 143 8.06 9.95 30.53
C LEU B 143 8.25 10.75 31.82
N ASP B 144 9.44 10.69 32.40
CA ASP B 144 9.73 11.51 33.59
C ASP B 144 9.77 12.96 33.16
N GLU B 145 10.56 13.23 32.13
CA GLU B 145 10.71 14.56 31.56
C GLU B 145 9.40 15.15 31.10
N LEU B 146 8.52 14.30 30.60
CA LEU B 146 7.20 14.73 30.15
C LEU B 146 6.31 15.16 31.33
N GLU B 147 6.58 14.63 32.51
CA GLU B 147 5.80 15.03 33.67
C GLU B 147 6.34 16.36 34.21
N LYS B 148 7.63 16.60 34.02
CA LYS B 148 8.20 17.91 34.27
C LYS B 148 7.81 18.90 33.18
N SER B 149 7.19 18.42 32.10
CA SER B 149 6.73 19.29 31.03
C SER B 149 5.26 19.64 31.25
N THR B 150 4.76 20.51 30.37
CA THR B 150 3.35 20.88 30.37
C THR B 150 2.46 19.86 29.69
N THR B 151 3.07 18.78 29.19
CA THR B 151 2.34 17.78 28.43
C THR B 151 1.30 17.05 29.25
N GLU B 152 0.13 16.85 28.67
CA GLU B 152 -0.91 16.08 29.33
C GLU B 152 -0.94 14.63 28.83
N LEU B 153 -0.54 13.70 29.70
CA LEU B 153 -0.46 12.28 29.33
C LEU B 153 -1.79 11.59 29.52
N LYS B 154 -2.35 11.07 28.44
CA LYS B 154 -3.63 10.39 28.52
C LYS B 154 -3.54 8.95 28.07
N PHE B 155 -3.23 8.06 29.01
CA PHE B 155 -3.18 6.65 28.72
C PHE B 155 -4.60 6.06 28.63
N GLY B 156 -4.72 4.81 28.21
CA GLY B 156 -6.02 4.18 28.09
C GLY B 156 -6.92 4.71 27.00
N HIS B 157 -6.48 5.76 26.30
CA HIS B 157 -7.24 6.34 25.19
C HIS B 157 -6.73 5.79 23.85
N LYS B 158 -7.60 5.10 23.14
CA LYS B 158 -7.28 4.62 21.80
C LYS B 158 -7.99 5.47 20.74
N LEU B 159 -7.21 6.20 19.95
CA LEU B 159 -7.76 6.96 18.82
C LEU B 159 -8.51 6.03 17.86
N VAL B 160 -9.73 6.42 17.49
CA VAL B 160 -10.59 5.55 16.70
C VAL B 160 -11.02 6.24 15.41
N LYS B 161 -11.07 7.56 15.43
CA LYS B 161 -11.61 8.31 14.32
C LYS B 161 -11.13 9.76 14.37
N ILE B 162 -10.96 10.38 13.22
CA ILE B 162 -10.65 11.80 13.15
C ILE B 162 -11.53 12.51 12.11
N GLU B 163 -12.20 13.58 12.53
CA GLU B 163 -12.90 14.43 11.57
C GLU B 163 -12.01 15.61 11.26
N TRP B 164 -11.66 15.77 9.99
CA TRP B 164 -10.80 16.87 9.57
C TRP B 164 -11.63 18.10 9.21
N THR B 165 -11.23 19.26 9.72
CA THR B 165 -11.87 20.52 9.35
C THR B 165 -10.80 21.54 8.98
N ASP B 166 -11.21 22.77 8.65
CA ASP B 166 -10.28 23.82 8.24
C ASP B 166 -9.67 24.55 9.42
N ASP B 167 -10.14 24.26 10.62
CA ASP B 167 -9.58 24.88 11.81
C ASP B 167 -9.13 23.83 12.83
N LYS B 168 -10.06 23.24 13.59
CA LYS B 168 -9.68 22.28 14.60
C LYS B 168 -10.11 20.88 14.20
N GLN B 169 -9.27 19.90 14.52
CA GLN B 169 -9.52 18.52 14.11
C GLN B 169 -10.15 17.74 15.24
N ILE B 170 -11.20 16.99 14.93
CA ILE B 170 -11.95 16.31 15.98
C ILE B 170 -11.52 14.86 16.14
N CYS B 171 -10.88 14.55 17.27
CA CYS B 171 -10.40 13.20 17.52
C CYS B 171 -11.35 12.39 18.40
N HIS B 172 -11.82 11.24 17.89
CA HIS B 172 -12.70 10.38 18.66
C HIS B 172 -11.95 9.22 19.32
N PHE B 173 -12.02 9.14 20.63
CA PHE B 173 -11.32 8.12 21.41
C PHE B 173 -12.28 7.05 21.97
N HIS B 183 -15.57 9.29 23.86
CA HIS B 183 -15.07 10.63 24.13
C HIS B 183 -14.45 11.31 22.90
N THR B 184 -14.75 12.60 22.71
CA THR B 184 -14.09 13.36 21.64
C THR B 184 -13.39 14.61 22.16
N GLU B 185 -12.58 15.20 21.30
CA GLU B 185 -11.75 16.33 21.67
C GLU B 185 -11.16 17.00 20.43
N LYS B 186 -11.10 18.34 20.46
CA LYS B 186 -10.67 19.11 19.30
C LYS B 186 -9.25 19.61 19.47
N TYR B 187 -8.47 19.53 18.38
CA TYR B 187 -7.10 20.00 18.39
C TYR B 187 -6.76 20.72 17.11
N ASP B 188 -5.81 21.65 17.18
CA ASP B 188 -5.35 22.36 15.99
C ASP B 188 -4.75 21.40 14.98
N PHE B 189 -3.87 20.51 15.44
CA PHE B 189 -3.31 19.48 14.57
C PHE B 189 -2.99 18.21 15.34
N VAL B 190 -2.68 17.15 14.60
CA VAL B 190 -2.47 15.82 15.15
C VAL B 190 -1.14 15.29 14.64
N ILE B 191 -0.36 14.65 15.50
CA ILE B 191 0.83 13.97 15.02
C ILE B 191 0.66 12.48 15.28
N GLY B 192 0.74 11.68 14.23
CA GLY B 192 0.61 10.26 14.35
C GLY B 192 1.98 9.66 14.63
N CYS B 193 2.17 9.21 15.86
CA CYS B 193 3.36 8.42 16.22
C CYS B 193 2.87 7.07 16.73
N ASP B 194 1.87 6.51 16.05
CA ASP B 194 1.16 5.38 16.60
C ASP B 194 1.60 4.03 15.97
N GLY B 195 2.87 3.97 15.56
CA GLY B 195 3.46 2.71 15.12
C GLY B 195 3.03 2.21 13.74
N ALA B 196 3.62 1.07 13.37
CA ALA B 196 3.45 0.49 12.04
C ALA B 196 2.00 0.36 11.54
N TYR B 197 1.06 0.09 12.44
CA TYR B 197 -0.35 -0.08 12.01
C TYR B 197 -1.22 1.17 12.19
N SER B 198 -0.57 2.29 12.53
CA SER B 198 -1.15 3.64 12.63
C SER B 198 -2.62 3.84 12.25
N ALA B 199 -3.45 4.11 13.25
CA ALA B 199 -4.84 4.47 13.00
C ALA B 199 -4.89 5.87 12.41
N THR B 200 -3.98 6.73 12.86
CA THR B 200 -3.87 8.10 12.37
C THR B 200 -3.63 8.12 10.86
N ARG B 201 -2.72 7.25 10.40
CA ARG B 201 -2.39 7.14 9.00
C ARG B 201 -3.63 6.81 8.16
N SER B 202 -4.43 5.87 8.66
CA SER B 202 -5.65 5.48 7.97
C SER B 202 -6.62 6.63 7.89
N GLN B 203 -6.73 7.40 8.97
CA GLN B 203 -7.60 8.56 9.01
C GLN B 203 -7.16 9.63 8.01
N MET B 204 -5.84 9.85 7.93
CA MET B 204 -5.27 10.83 7.00
C MET B 204 -5.53 10.45 5.55
N GLN B 205 -5.55 9.14 5.28
CA GLN B 205 -5.72 8.66 3.91
C GLN B 205 -7.12 9.00 3.35
N ARG B 206 -8.07 9.26 4.23
CA ARG B 206 -9.41 9.68 3.82
C ARG B 206 -9.41 11.15 3.38
N LYS B 207 -8.49 11.93 3.92
CA LYS B 207 -8.40 13.35 3.62
C LYS B 207 -7.39 13.68 2.52
N VAL B 208 -6.37 12.84 2.36
CA VAL B 208 -5.33 13.13 1.36
C VAL B 208 -5.01 11.88 0.54
N GLU B 209 -4.67 12.08 -0.72
CA GLU B 209 -4.30 10.96 -1.57
C GLU B 209 -2.88 10.57 -1.25
N MET B 210 -2.73 9.43 -0.58
CA MET B 210 -1.42 9.05 -0.09
C MET B 210 -0.93 7.78 -0.79
N ASP B 211 0.20 7.86 -1.46
CA ASP B 211 0.87 6.65 -1.89
C ASP B 211 1.27 5.88 -0.63
N PHE B 212 0.96 4.61 -0.61
CA PHE B 212 1.18 3.81 0.59
C PHE B 212 1.45 2.39 0.21
N SER B 213 2.34 1.76 0.97
CA SER B 213 2.61 0.35 0.80
C SER B 213 2.94 -0.34 2.10
N GLN B 214 2.49 -1.57 2.22
CA GLN B 214 2.84 -2.38 3.37
C GLN B 214 3.26 -3.73 2.84
N GLU B 215 4.28 -4.27 3.46
CA GLU B 215 4.85 -5.55 3.06
C GLU B 215 5.27 -6.30 4.32
N TYR B 216 4.71 -7.50 4.50
CA TYR B 216 5.00 -8.36 5.64
C TYR B 216 6.19 -9.22 5.34
N MET B 217 7.09 -9.33 6.30
CA MET B 217 8.28 -10.15 6.10
C MET B 217 8.09 -11.46 6.85
N ASN B 218 8.82 -12.48 6.40
CA ASN B 218 8.85 -13.79 7.03
C ASN B 218 9.67 -13.81 8.33
N LEU B 219 10.48 -12.78 8.51
CA LEU B 219 11.44 -12.75 9.62
C LEU B 219 10.73 -12.75 10.95
N ARG B 220 11.31 -13.47 11.91
CA ARG B 220 10.84 -13.43 13.28
C ARG B 220 12.07 -13.30 14.19
N TYR B 221 11.85 -12.84 15.42
CA TYR B 221 12.96 -12.70 16.35
C TYR B 221 12.58 -13.32 17.67
N ILE B 222 13.58 -13.84 18.38
CA ILE B 222 13.37 -14.40 19.70
C ILE B 222 14.36 -13.75 20.63
N GLU B 223 13.86 -13.19 21.73
CA GLU B 223 14.70 -12.51 22.69
C GLU B 223 15.31 -13.51 23.67
N LEU B 224 16.63 -13.45 23.80
CA LEU B 224 17.40 -14.40 24.58
C LEU B 224 18.24 -13.60 25.57
N TYR B 225 18.92 -14.30 26.46
CA TYR B 225 19.60 -13.64 27.57
C TYR B 225 20.88 -14.36 27.91
N ILE B 226 21.94 -13.58 28.07
CA ILE B 226 23.23 -14.08 28.51
C ILE B 226 23.48 -13.46 29.88
N PRO B 227 23.48 -14.28 30.95
CA PRO B 227 23.60 -13.70 32.30
C PRO B 227 24.98 -13.14 32.61
N PRO B 228 25.07 -12.29 33.64
CA PRO B 228 26.39 -11.80 34.07
C PRO B 228 27.26 -12.96 34.52
N THR B 229 28.57 -12.82 34.40
CA THR B 229 29.45 -13.83 34.96
C THR B 229 29.35 -13.76 36.49
N GLU B 230 29.77 -14.82 37.16
CA GLU B 230 29.79 -14.83 38.62
C GLU B 230 30.86 -13.87 39.16
N GLU B 231 32.00 -13.78 38.48
CA GLU B 231 33.11 -12.96 38.96
C GLU B 231 33.41 -11.80 38.01
N PHE B 232 34.01 -10.73 38.56
CA PHE B 232 34.49 -9.59 37.81
C PHE B 232 35.52 -10.02 36.77
N LYS B 233 35.44 -9.45 35.57
CA LYS B 233 36.44 -9.73 34.52
C LYS B 233 37.27 -8.49 34.24
N PRO B 234 38.52 -8.48 34.72
CA PRO B 234 39.35 -7.27 34.63
C PRO B 234 39.53 -6.76 33.19
N ASN B 235 39.62 -7.68 32.23
CA ASN B 235 39.80 -7.28 30.84
C ASN B 235 38.56 -6.65 30.21
N TYR B 236 37.39 -6.94 30.77
CA TYR B 236 36.15 -6.38 30.24
C TYR B 236 35.59 -5.29 31.15
N GLY B 237 36.20 -5.12 32.33
CA GLY B 237 35.75 -4.11 33.29
C GLY B 237 34.34 -4.31 33.81
N GLY B 238 33.97 -5.56 34.07
CA GLY B 238 32.63 -5.87 34.54
C GLY B 238 32.46 -7.37 34.53
N ASN B 239 31.30 -7.83 34.98
CA ASN B 239 30.99 -9.26 34.99
C ASN B 239 30.45 -9.68 33.61
N PHE B 240 31.26 -9.51 32.57
CA PHE B 240 30.81 -9.77 31.20
C PHE B 240 31.34 -11.13 30.67
N ALA B 241 30.48 -11.95 30.10
CA ALA B 241 30.96 -13.24 29.59
C ALA B 241 31.77 -13.09 28.30
N ILE B 242 31.47 -12.05 27.54
CA ILE B 242 32.16 -11.76 26.28
C ILE B 242 32.36 -10.24 26.20
N ALA B 243 33.10 -9.78 25.20
CA ALA B 243 33.50 -8.37 25.11
C ALA B 243 32.31 -7.41 25.08
N PRO B 244 32.20 -6.51 26.09
CA PRO B 244 31.08 -5.59 26.16
C PRO B 244 31.11 -4.45 25.14
N ASP B 245 32.27 -4.16 24.56
CA ASP B 245 32.40 -3.01 23.66
C ASP B 245 32.29 -3.37 22.18
N HIS B 246 31.75 -4.56 21.90
CA HIS B 246 31.43 -4.99 20.53
C HIS B 246 29.99 -5.41 20.45
N LEU B 247 29.38 -5.15 19.31
CA LEU B 247 28.14 -5.84 18.96
C LEU B 247 28.54 -7.22 18.46
N HIS B 248 28.05 -8.27 19.12
CA HIS B 248 28.38 -9.63 18.74
C HIS B 248 27.40 -10.13 17.73
N ILE B 249 27.91 -10.74 16.66
CA ILE B 249 27.06 -11.29 15.61
C ILE B 249 27.56 -12.69 15.26
N TRP B 250 26.62 -13.61 15.15
CA TRP B 250 26.84 -14.97 14.68
C TRP B 250 26.13 -15.11 13.33
N PRO B 251 26.77 -14.69 12.24
CA PRO B 251 26.03 -14.71 10.97
C PRO B 251 25.98 -16.11 10.37
N ARG B 252 24.78 -16.55 10.01
CA ARG B 252 24.61 -17.86 9.42
C ARG B 252 23.80 -17.75 8.12
N HIS B 253 23.55 -18.89 7.47
CA HIS B 253 22.79 -18.88 6.21
C HIS B 253 21.30 -18.76 6.50
N LYS B 254 20.76 -17.57 6.23
CA LYS B 254 19.33 -17.23 6.43
C LYS B 254 18.92 -17.00 7.89
N PHE B 255 19.87 -17.05 8.82
CA PHE B 255 19.54 -16.70 10.20
C PHE B 255 20.77 -16.18 10.93
N MET B 256 20.54 -15.58 12.10
CA MET B 256 21.67 -15.08 12.87
C MET B 256 21.36 -14.89 14.33
N LEU B 257 22.41 -14.81 15.11
CA LEU B 257 22.31 -14.48 16.53
C LEU B 257 23.08 -13.20 16.73
N ILE B 258 22.62 -12.37 17.65
CA ILE B 258 23.35 -11.17 18.00
C ILE B 258 23.31 -11.01 19.51
N ALA B 259 24.21 -10.20 20.03
CA ALA B 259 24.24 -9.91 21.47
C ALA B 259 24.85 -8.53 21.70
N LEU B 260 24.21 -7.83 22.63
CA LEU B 260 24.46 -6.43 22.95
C LEU B 260 24.53 -6.30 24.47
N ALA B 261 25.58 -5.68 24.99
CA ALA B 261 25.79 -5.66 26.44
C ALA B 261 24.77 -4.80 27.20
N ASN B 262 24.41 -5.28 28.38
CA ASN B 262 23.59 -4.52 29.33
C ASN B 262 24.51 -3.97 30.41
N SER B 263 24.04 -2.95 31.13
N SER B 263 24.07 -2.94 31.14
CA SER B 263 24.87 -2.30 32.14
CA SER B 263 24.98 -2.33 32.10
C SER B 263 25.29 -3.26 33.26
C SER B 263 25.32 -3.28 33.26
N ASP B 264 24.44 -4.23 33.58
CA ASP B 264 24.72 -5.14 34.72
C ASP B 264 25.63 -6.35 34.39
N GLY B 265 26.23 -6.37 33.20
CA GLY B 265 27.17 -7.42 32.84
C GLY B 265 26.58 -8.50 31.96
N SER B 266 25.26 -8.59 31.99
CA SER B 266 24.54 -9.51 31.12
C SER B 266 24.54 -8.97 29.68
N PHE B 267 24.03 -9.77 28.74
CA PHE B 267 23.78 -9.29 27.37
C PHE B 267 22.35 -9.54 26.97
N THR B 268 21.80 -8.59 26.23
CA THR B 268 20.59 -8.82 25.49
C THR B 268 20.97 -9.60 24.26
N SER B 269 20.37 -10.75 24.02
CA SER B 269 20.67 -11.51 22.81
C SER B 269 19.40 -11.69 22.00
N THR B 270 19.53 -11.77 20.69
CA THR B 270 18.36 -11.88 19.84
C THR B 270 18.64 -12.83 18.69
N PHE B 271 17.76 -13.81 18.50
CA PHE B 271 17.86 -14.72 17.37
C PHE B 271 16.95 -14.19 16.29
N PHE B 272 17.42 -14.22 15.05
CA PHE B 272 16.61 -13.82 13.89
C PHE B 272 16.54 -14.96 12.91
N GLY B 273 15.33 -15.39 12.56
CA GLY B 273 15.17 -16.43 11.57
C GLY B 273 13.78 -16.37 10.97
N SER B 274 13.58 -17.08 9.87
CA SER B 274 12.26 -17.08 9.22
C SER B 274 11.23 -17.73 10.12
N LYS B 275 9.97 -17.41 9.88
CA LYS B 275 8.88 -17.98 10.67
C LYS B 275 8.81 -19.51 10.50
N ASP B 276 9.13 -19.99 9.30
CA ASP B 276 9.05 -21.42 9.00
C ASP B 276 10.20 -22.23 9.62
N GLN B 277 11.40 -21.67 9.62
CA GLN B 277 12.52 -22.32 10.29
C GLN B 277 12.19 -22.51 11.76
N ILE B 278 11.72 -21.43 12.39
CA ILE B 278 11.42 -21.47 13.82
C ILE B 278 10.28 -22.45 14.14
N SER B 279 9.20 -22.39 13.36
CA SER B 279 8.07 -23.32 13.51
C SER B 279 8.53 -24.77 13.48
N ASP B 280 9.34 -25.11 12.49
CA ASP B 280 9.88 -26.46 12.39
C ASP B 280 10.81 -26.83 13.56
N LEU B 281 11.50 -25.84 14.11
CA LEU B 281 12.41 -26.12 15.21
C LEU B 281 11.68 -26.40 16.53
N ILE B 282 10.57 -25.70 16.78
CA ILE B 282 9.96 -25.73 18.12
C ILE B 282 8.98 -26.88 18.35
N THR B 283 9.02 -27.90 17.50
CA THR B 283 8.19 -29.09 17.70
C THR B 283 8.73 -29.90 18.87
N SER B 284 10.05 -29.96 18.98
CA SER B 284 10.68 -30.71 20.07
C SER B 284 11.69 -29.84 20.79
N LYS B 285 11.60 -29.79 22.11
CA LYS B 285 12.55 -29.03 22.90
C LYS B 285 13.98 -29.53 22.67
N SER B 286 14.12 -30.83 22.42
CA SER B 286 15.42 -31.41 22.08
C SER B 286 15.92 -30.87 20.74
N ARG B 287 14.98 -30.63 19.84
CA ARG B 287 15.28 -30.18 18.48
C ARG B 287 15.81 -28.73 18.46
N VAL B 288 15.33 -27.92 19.40
CA VAL B 288 15.77 -26.54 19.51
C VAL B 288 17.17 -26.49 20.10
N ARG B 289 17.39 -27.26 21.16
CA ARG B 289 18.68 -27.29 21.86
C ARG B 289 19.78 -27.71 20.89
N GLU B 290 19.50 -28.72 20.09
CA GLU B 290 20.47 -29.25 19.14
C GLU B 290 20.80 -28.26 18.03
N PHE B 291 19.80 -27.47 17.63
CA PHE B 291 20.00 -26.41 16.64
C PHE B 291 20.98 -25.35 17.16
N LEU B 292 20.78 -24.96 18.41
CA LEU B 292 21.61 -23.93 19.03
C LEU B 292 23.06 -24.36 19.20
N ILE B 293 23.25 -25.58 19.69
CA ILE B 293 24.59 -26.10 19.98
C ILE B 293 25.36 -26.26 18.69
N GLU B 294 24.67 -26.74 17.67
CA GLU B 294 25.28 -26.97 16.37
C GLU B 294 25.66 -25.66 15.67
N ASN B 295 24.81 -24.65 15.74
CA ASN B 295 25.07 -23.43 14.98
C ASN B 295 25.82 -22.38 15.77
N PHE B 296 25.70 -22.45 17.10
CA PHE B 296 26.34 -21.47 17.97
C PHE B 296 27.12 -22.17 19.08
N PRO B 297 28.16 -22.95 18.73
CA PRO B 297 28.80 -23.81 19.74
C PRO B 297 29.42 -23.03 20.90
N ASP B 298 29.75 -21.76 20.70
CA ASP B 298 30.41 -21.02 21.76
C ASP B 298 29.43 -20.35 22.74
N ILE B 299 28.13 -20.58 22.62
CA ILE B 299 27.24 -20.04 23.63
C ILE B 299 27.01 -21.03 24.78
N ILE B 300 27.48 -22.27 24.63
CA ILE B 300 27.22 -23.30 25.65
C ILE B 300 27.80 -22.87 26.99
N ASN B 301 28.92 -22.16 26.95
CA ASN B 301 29.59 -21.72 28.17
C ASN B 301 29.04 -20.41 28.73
N ILE B 302 28.07 -19.79 28.05
CA ILE B 302 27.62 -18.48 28.51
C ILE B 302 26.12 -18.26 28.59
N MET B 303 25.34 -19.22 28.10
CA MET B 303 23.89 -19.08 28.08
C MET B 303 23.25 -20.33 28.64
N ASP B 304 22.16 -20.17 29.37
CA ASP B 304 21.35 -21.28 29.87
C ASP B 304 20.48 -21.83 28.76
N LEU B 305 20.86 -22.97 28.19
CA LEU B 305 20.15 -23.51 27.04
C LEU B 305 18.74 -23.99 27.36
N ASP B 306 18.51 -24.43 28.60
CA ASP B 306 17.15 -24.78 29.03
C ASP B 306 16.22 -23.60 28.87
N ASP B 307 16.65 -22.46 29.42
CA ASP B 307 15.85 -21.24 29.36
C ASP B 307 15.77 -20.70 27.93
N ALA B 308 16.83 -20.83 27.15
CA ALA B 308 16.78 -20.44 25.73
C ALA B 308 15.71 -21.24 25.01
N VAL B 309 15.71 -22.55 25.22
CA VAL B 309 14.72 -23.42 24.58
C VAL B 309 13.29 -22.98 24.94
N LYS B 310 13.04 -22.71 26.21
CA LYS B 310 11.70 -22.27 26.64
C LYS B 310 11.32 -20.94 25.96
N ARG B 311 12.28 -20.02 25.88
CA ARG B 311 12.07 -18.75 25.21
C ARG B 311 11.70 -18.95 23.74
N PHE B 312 12.38 -19.87 23.06
CA PHE B 312 12.00 -20.25 21.71
C PHE B 312 10.56 -20.75 21.63
N ILE B 313 10.23 -21.73 22.47
CA ILE B 313 8.94 -22.44 22.35
C ILE B 313 7.77 -21.51 22.59
N THR B 314 7.90 -20.67 23.62
CA THR B 314 6.84 -19.80 24.06
C THR B 314 6.91 -18.41 23.42
N TYR B 315 7.63 -18.27 22.32
CA TYR B 315 7.82 -16.94 21.75
C TYR B 315 6.49 -16.38 21.24
N PRO B 316 6.26 -15.07 21.46
CA PRO B 316 4.96 -14.46 21.18
C PRO B 316 4.67 -14.36 19.68
N LYS B 317 3.39 -14.29 19.32
CA LYS B 317 3.01 -14.04 17.94
C LYS B 317 3.57 -12.69 17.50
N GLU B 318 4.19 -12.67 16.32
CA GLU B 318 4.77 -11.43 15.81
C GLU B 318 4.35 -11.18 14.38
N SER B 319 4.45 -9.93 13.95
CA SER B 319 4.38 -9.63 12.54
C SER B 319 5.33 -8.47 12.29
N LEU B 320 6.15 -8.59 11.27
CA LEU B 320 7.09 -7.54 10.96
C LEU B 320 6.66 -6.92 9.62
N VAL B 321 6.11 -5.70 9.69
CA VAL B 321 5.66 -5.00 8.50
C VAL B 321 6.58 -3.84 8.17
N CYS B 322 6.81 -3.64 6.89
CA CYS B 322 7.54 -2.49 6.38
C CYS B 322 6.50 -1.60 5.74
N VAL B 323 6.58 -0.30 5.99
CA VAL B 323 5.62 0.67 5.47
C VAL B 323 6.36 1.79 4.75
N ASN B 324 5.75 2.36 3.72
CA ASN B 324 6.27 3.55 3.07
C ASN B 324 5.07 4.46 2.75
N CYS B 325 5.24 5.76 2.92
CA CYS B 325 4.18 6.74 2.74
C CYS B 325 4.62 7.90 1.90
N LYS B 326 3.67 8.47 1.16
CA LYS B 326 3.86 9.80 0.54
C LYS B 326 2.51 10.41 0.15
N PRO B 327 2.19 11.60 0.69
CA PRO B 327 3.02 12.40 1.58
C PRO B 327 2.89 11.98 3.04
N TYR B 328 3.67 12.61 3.93
CA TYR B 328 3.60 12.33 5.36
C TYR B 328 2.62 13.24 6.07
N ASP B 329 2.06 14.21 5.33
CA ASP B 329 1.25 15.25 6.00
C ASP B 329 -0.14 15.43 5.39
N VAL B 330 -1.08 15.95 6.16
CA VAL B 330 -2.33 16.47 5.58
C VAL B 330 -2.16 17.97 5.29
N PRO B 331 -2.48 18.40 4.06
CA PRO B 331 -2.31 19.80 3.65
C PRO B 331 -2.93 20.80 4.63
N GLY B 332 -2.33 21.98 4.74
CA GLY B 332 -2.82 22.95 5.69
C GLY B 332 -2.25 22.72 7.09
N GLY B 333 -1.22 21.89 7.19
CA GLY B 333 -0.54 21.65 8.46
C GLY B 333 -1.42 20.96 9.49
N LYS B 334 -2.39 20.21 9.02
CA LYS B 334 -3.35 19.60 9.91
C LYS B 334 -2.85 18.32 10.60
N ALA B 335 -1.88 17.62 10.02
CA ALA B 335 -1.41 16.37 10.60
C ALA B 335 -0.11 15.94 9.94
N ILE B 336 0.72 15.23 10.68
CA ILE B 336 1.93 14.64 10.11
C ILE B 336 2.22 13.26 10.76
N LEU B 337 2.92 12.41 10.03
CA LEU B 337 3.32 11.09 10.52
C LEU B 337 4.80 11.02 10.78
N LEU B 338 5.18 10.47 11.94
CA LEU B 338 6.58 10.31 12.33
C LEU B 338 6.83 8.88 12.81
N GLY B 339 8.07 8.42 12.70
CA GLY B 339 8.43 7.14 13.27
C GLY B 339 7.87 5.97 12.46
N ASP B 340 7.59 4.86 13.13
CA ASP B 340 7.14 3.65 12.45
C ASP B 340 5.83 3.86 11.68
N ALA B 341 4.99 4.78 12.14
CA ALA B 341 3.75 5.09 11.40
C ALA B 341 4.04 5.60 9.99
N ALA B 342 5.19 6.24 9.82
CA ALA B 342 5.59 6.77 8.51
C ALA B 342 6.43 5.79 7.70
N HIS B 343 7.34 5.07 8.34
CA HIS B 343 8.33 4.28 7.61
C HIS B 343 8.84 3.04 8.35
N ALA B 344 7.96 2.30 9.03
CA ALA B 344 8.37 1.08 9.73
C ALA B 344 9.26 0.21 8.83
N MET B 345 10.39 -0.25 9.34
CA MET B 345 11.24 -1.11 8.51
C MET B 345 11.69 -2.35 9.25
N VAL B 346 12.40 -3.21 8.53
CA VAL B 346 12.95 -4.43 9.07
C VAL B 346 13.82 -4.14 10.29
N PRO B 347 13.53 -4.78 11.41
CA PRO B 347 14.43 -4.63 12.56
C PRO B 347 15.80 -5.22 12.26
N PHE B 348 16.79 -4.70 12.96
CA PHE B 348 18.22 -4.94 12.73
C PHE B 348 18.76 -4.41 11.40
N TYR B 349 18.08 -4.67 10.28
CA TYR B 349 18.57 -4.14 9.01
C TYR B 349 18.30 -2.71 8.84
N GLY B 350 17.26 -2.27 9.51
CA GLY B 350 16.96 -0.87 9.62
C GLY B 350 17.01 -0.57 11.10
N GLN B 351 17.27 0.69 11.43
CA GLN B 351 17.26 1.12 12.84
C GLN B 351 16.20 2.18 13.05
N GLY B 352 15.01 1.69 13.37
CA GLY B 352 13.81 2.50 13.35
C GLY B 352 13.74 3.57 14.41
N MET B 353 14.25 3.29 15.61
CA MET B 353 14.23 4.30 16.68
C MET B 353 15.09 5.49 16.30
N ASN B 354 16.30 5.23 15.84
CA ASN B 354 17.23 6.30 15.47
C ASN B 354 16.65 7.12 14.35
N CYS B 355 16.03 6.44 13.38
CA CYS B 355 15.36 7.12 12.27
C CYS B 355 14.19 7.99 12.77
N GLY B 356 13.36 7.44 13.64
CA GLY B 356 12.25 8.20 14.22
C GLY B 356 12.71 9.45 14.97
N PHE B 357 13.79 9.30 15.75
CA PHE B 357 14.31 10.42 16.53
C PHE B 357 14.74 11.54 15.60
N GLU B 358 15.46 11.17 14.54
CA GLU B 358 15.90 12.10 13.51
C GLU B 358 14.72 12.75 12.76
N ASP B 359 13.59 12.04 12.63
CA ASP B 359 12.36 12.66 12.08
C ASP B 359 11.97 13.91 12.90
N VAL B 360 11.94 13.74 14.21
CA VAL B 360 11.52 14.79 15.14
C VAL B 360 12.46 15.98 15.04
N ARG B 361 13.76 15.72 15.06
CA ARG B 361 14.74 16.78 14.94
C ARG B 361 14.56 17.59 13.66
N ILE B 362 14.40 16.89 12.53
CA ILE B 362 14.25 17.55 11.24
C ILE B 362 12.96 18.37 11.18
N LEU B 363 11.89 17.84 11.75
CA LEU B 363 10.64 18.57 11.77
C LEU B 363 10.73 19.85 12.61
N MET B 364 11.35 19.78 13.79
CA MET B 364 11.50 20.97 14.64
C MET B 364 12.36 22.04 13.94
N ALA B 365 13.43 21.61 13.30
CA ALA B 365 14.29 22.54 12.57
C ALA B 365 13.52 23.20 11.43
N LEU B 366 12.62 22.47 10.80
CA LEU B 366 11.78 23.02 9.75
C LEU B 366 10.66 23.90 10.33
N LEU B 367 10.19 23.54 11.51
CA LEU B 367 9.11 24.29 12.15
C LEU B 367 9.60 25.64 12.65
N LYS B 368 10.89 25.76 12.94
CA LYS B 368 11.42 27.06 13.33
C LYS B 368 11.83 27.86 12.09
N LYS B 369 12.55 27.22 11.17
CA LYS B 369 12.92 27.83 9.90
C LYS B 369 11.74 28.58 9.25
N HIS B 370 10.54 28.01 9.37
CA HIS B 370 9.34 28.63 8.81
C HIS B 370 8.46 29.29 9.89
N SER B 371 9.09 29.68 11.00
CA SER B 371 8.44 30.47 12.05
C SER B 371 7.09 29.96 12.53
N GLY B 372 6.96 28.64 12.71
CA GLY B 372 5.72 28.08 13.20
C GLY B 372 4.64 27.89 12.14
N ASP B 373 4.99 28.15 10.88
CA ASP B 373 4.06 27.92 9.78
C ASP B 373 4.00 26.44 9.46
N ARG B 374 3.01 25.75 10.03
CA ARG B 374 2.92 24.31 9.91
C ARG B 374 2.77 23.90 8.46
N SER B 375 1.92 24.62 7.72
CA SER B 375 1.67 24.33 6.32
C SER B 375 2.94 24.17 5.50
N ARG B 376 3.86 25.11 5.67
CA ARG B 376 5.04 25.06 4.83
C ARG B 376 6.17 24.26 5.48
N ALA B 377 6.12 24.09 6.79
CA ALA B 377 7.07 23.19 7.46
C ALA B 377 6.77 21.74 7.08
N PHE B 378 5.49 21.37 7.18
CA PHE B 378 5.08 20.00 6.91
C PHE B 378 5.26 19.63 5.46
N THR B 379 5.02 20.59 4.56
CA THR B 379 5.14 20.34 3.14
C THR B 379 6.59 20.13 2.80
N GLU B 380 7.47 20.95 3.35
CA GLU B 380 8.91 20.77 3.13
C GLU B 380 9.43 19.49 3.79
N TYR B 381 8.85 19.11 4.94
CA TYR B 381 9.22 17.86 5.58
C TYR B 381 9.05 16.71 4.59
N THR B 382 7.85 16.56 4.06
CA THR B 382 7.61 15.53 3.06
C THR B 382 8.59 15.59 1.91
N GLN B 383 8.73 16.77 1.31
CA GLN B 383 9.57 16.89 0.12
C GLN B 383 11.04 16.59 0.41
N THR B 384 11.52 16.94 1.60
CA THR B 384 12.92 16.71 1.95
C THR B 384 13.16 15.31 2.52
N ARG B 385 12.28 14.89 3.42
CA ARG B 385 12.50 13.65 4.16
C ARG B 385 12.17 12.41 3.30
N HIS B 386 11.21 12.51 2.38
CA HIS B 386 10.76 11.31 1.69
C HIS B 386 11.85 10.60 0.88
N LYS B 387 12.75 11.33 0.23
CA LYS B 387 13.74 10.59 -0.56
C LYS B 387 14.90 10.11 0.32
N ASP B 388 15.15 10.80 1.42
CA ASP B 388 16.03 10.24 2.44
C ASP B 388 15.44 8.95 3.02
N LEU B 389 14.12 8.92 3.26
CA LEU B 389 13.52 7.73 3.86
C LEU B 389 13.39 6.58 2.85
N VAL B 390 13.20 6.92 1.58
CA VAL B 390 13.08 5.87 0.56
C VAL B 390 14.41 5.12 0.46
N SER B 391 15.52 5.86 0.47
CA SER B 391 16.83 5.22 0.39
C SER B 391 17.13 4.41 1.65
N ILE B 392 16.84 4.98 2.82
CA ILE B 392 17.05 4.27 4.10
C ILE B 392 16.26 2.97 4.16
N THR B 393 14.96 3.04 3.90
CA THR B 393 14.11 1.86 4.04
C THR B 393 14.40 0.83 2.95
N GLU B 394 14.78 1.31 1.77
CA GLU B 394 15.06 0.38 0.67
C GLU B 394 16.37 -0.34 0.88
N LEU B 395 17.36 0.37 1.41
CA LEU B 395 18.62 -0.25 1.82
C LEU B 395 18.37 -1.33 2.89
N ALA B 396 17.51 -1.02 3.84
CA ALA B 396 17.18 -1.98 4.90
C ALA B 396 16.54 -3.25 4.35
N LYS B 397 15.64 -3.06 3.38
CA LYS B 397 14.91 -4.17 2.78
C LYS B 397 15.83 -5.06 1.95
N ARG B 398 16.71 -4.43 1.18
CA ARG B 398 17.63 -5.17 0.34
C ARG B 398 18.58 -6.00 1.20
N ASN B 399 19.11 -5.41 2.27
CA ASN B 399 20.02 -6.14 3.14
C ASN B 399 19.34 -7.33 3.79
N TYR B 400 18.08 -7.17 4.16
CA TYR B 400 17.31 -8.30 4.70
C TYR B 400 17.09 -9.37 3.64
N LYS B 401 16.49 -8.98 2.52
CA LYS B 401 16.11 -9.94 1.48
C LYS B 401 17.33 -10.69 0.95
N GLU B 402 18.49 -10.06 1.03
CA GLU B 402 19.70 -10.73 0.62
C GLU B 402 20.22 -11.70 1.69
N MET B 403 20.05 -11.38 2.97
CA MET B 403 20.25 -12.44 3.94
C MET B 403 19.25 -13.57 3.78
N SER B 404 17.99 -13.24 3.50
CA SER B 404 16.95 -14.26 3.50
C SER B 404 17.10 -15.14 2.25
N HIS B 405 17.86 -14.64 1.26
CA HIS B 405 18.25 -15.42 0.08
C HIS B 405 19.73 -15.79 0.11
#